data_6P91
#
_entry.id   6P91
#
_cell.length_a   231.660
_cell.length_b   231.660
_cell.length_c   231.660
_cell.angle_alpha   90.000
_cell.angle_beta   90.000
_cell.angle_gamma   90.000
#
_symmetry.space_group_name_H-M   'I 21 3'
#
loop_
_entity.id
_entity.type
_entity.pdbx_description
1 polymer 'Pre-glycoprotein polyprotein GP complex'
2 polymer 'Fab 18.5C Antibody heavy chain'
3 polymer 'Fab 18.5C Antibody light chain'
4 polymer 'Pre-glycoprotein polyprotein GP complex,Lassa virus glycoprotein, GP2 subunit'
5 branched alpha-D-mannopyranose-(1-3)-beta-D-mannopyranose-(1-4)-2-acetamido-2-deoxy-beta-D-glucopyranose-(1-4)-2-acetamido-2-deoxy-beta-D-glucopyranose
6 branched 2-acetamido-2-deoxy-beta-D-glucopyranose-(1-4)-2-acetamido-2-deoxy-beta-D-glucopyranose
7 branched beta-D-mannopyranose-(1-4)-2-acetamido-2-deoxy-beta-D-glucopyranose-(1-4)-2-acetamido-2-deoxy-beta-D-glucopyranose
8 branched beta-D-mannopyranose-(1-4)-2-acetamido-2-deoxy-beta-D-glucopyranose-(1-4)-[alpha-L-fucopyranose-(1-6)]2-acetamido-2-deoxy-beta-D-glucopyranose
9 non-polymer 2-acetamido-2-deoxy-beta-D-glucopyranose
#
loop_
_entity_poly.entity_id
_entity_poly.type
_entity_poly.pdbx_seq_one_letter_code
_entity_poly.pdbx_strand_id
1 'polypeptide(L)'
;MGQIVTFFQEVPHVIEEVMNIVLIALSVLAVLKGLYNFATCGLVGLVTFLLLCGRSCTTSLYKGVYELQTLELNMETLNM
TMPLSCTKNNSHHYIMVGNETGLELTLTNTSIINHKFCNLSDAHKKNLYDHALMSIISTFHLSIPNFNQYEAMSCDFNGG
KISVQYNLSHSYAGDAANHCGTVANGVLQTFMRMAWGGSYIALDSGCGNWDCIMTSYQYLIIQNTTWEDHCQFSRPSPIG
YLGLLSQRTRDIYISRR
;
A
2 'polypeptide(L)'
;DEVQLVQSGGGLVRPGGSLRLSCAAAGFTFKSYSMNWVRQAPGRGLEWVSSITSGGSKTYYADVVKGRFTVSRDNAKQSL
YLQMNSLRAEDTAIYFCARSLHSTSQPSYMDVWGRKITVIVSSASTKGPSVFPLAPSSKSTSGGTAALGCLVKDYFPEPV
TVSWNSGALTSGVHTFPAVLQSSGLYSLSSVVTVPSSSLGTQTYICNVNHKPSNTKVDKRVEPKSCDK
;
H
3 'polypeptide(L)'
;DDIVLTQSPGTLSLSPGERATLSCRASQSVISYYVAWYQHKGGQAPRLLIYGASSRATGVPDRFSGSGSGTDFTLTISSL
EPEDFALYYCQYYGSSPLWAFGQGTKVEIKRTVAAPSVFIFPPSDEQLKSGTASVVCLLNNFYPREAKVQWKVDNALQSG
NSQESVTEQDSKDSTYSLSSTLTLSKADYEKHKVYACEVTHQGLSSPVTKSFNRGEC
;
L
4 'polypeptide(L)'
;GTFTWTLSDSEGKDTPGGYCLTRWMLIEAELKCFGNTAVAKCNEKHDEEFCDMLRLFDFNKQAIQRLKAPAQTSIQLINK
AVNALINDQLIMKNHLRDIMCIPYCNYSKYWYLNHTTTGRTSLPKCWLVSNGSYLNETHFSDDIEQQADNMITEMLQKEY
MERQGDDDDKAGWSHPQFEKGGGSGGGSGGGSWSHPQFEK
;
a
#
loop_
_chem_comp.id
_chem_comp.type
_chem_comp.name
_chem_comp.formula
BMA D-saccharide, beta linking beta-D-mannopyranose 'C6 H12 O6'
FUC L-saccharide, alpha linking alpha-L-fucopyranose 'C6 H12 O5'
MAN D-saccharide, alpha linking alpha-D-mannopyranose 'C6 H12 O6'
NAG D-saccharide, beta linking 2-acetamido-2-deoxy-beta-D-glucopyranose 'C8 H15 N O6'
#
# COMPACT_ATOMS: atom_id res chain seq x y z
N SER A 60 -11.95 8.61 18.96
CA SER A 60 -11.87 7.25 19.49
C SER A 60 -13.20 6.53 19.37
N LEU A 61 -14.28 7.30 19.27
CA LEU A 61 -15.64 6.77 19.15
C LEU A 61 -16.20 7.12 17.78
N TYR A 62 -16.87 6.15 17.15
CA TYR A 62 -17.44 6.35 15.83
C TYR A 62 -18.77 7.08 15.92
N LYS A 63 -18.92 8.13 15.12
CA LYS A 63 -20.10 9.00 15.12
C LYS A 63 -20.37 9.63 16.49
N GLY A 64 -19.36 9.65 17.37
CA GLY A 64 -19.46 10.25 18.67
C GLY A 64 -20.44 9.62 19.63
N VAL A 65 -21.11 8.54 19.24
CA VAL A 65 -22.11 7.93 20.13
C VAL A 65 -21.93 6.42 20.19
N TYR A 66 -21.12 5.88 19.29
CA TYR A 66 -20.96 4.45 19.13
C TYR A 66 -19.55 4.01 19.49
N GLU A 67 -19.45 2.79 19.98
CA GLU A 67 -18.18 2.18 20.37
C GLU A 67 -17.93 0.94 19.52
N LEU A 68 -16.67 0.71 19.18
CA LEU A 68 -16.28 -0.49 18.46
C LEU A 68 -15.91 -1.55 19.49
N GLN A 69 -16.70 -2.62 19.55
CA GLN A 69 -16.44 -3.72 20.45
C GLN A 69 -16.28 -5.01 19.66
N THR A 70 -15.57 -5.97 20.24
CA THR A 70 -15.24 -7.21 19.56
C THR A 70 -15.58 -8.40 20.44
N LEU A 71 -15.66 -9.56 19.80
CA LEU A 71 -15.86 -10.83 20.48
C LEU A 71 -15.20 -11.92 19.67
N GLU A 72 -14.57 -12.88 20.36
CA GLU A 72 -13.88 -13.99 19.73
C GLU A 72 -14.52 -15.28 20.19
N LEU A 73 -14.99 -16.09 19.24
CA LEU A 73 -15.74 -17.29 19.58
C LEU A 73 -14.83 -18.37 20.15
N ASN A 74 -15.31 -19.07 21.17
CA ASN A 74 -14.61 -20.20 21.77
C ASN A 74 -15.08 -21.46 21.05
N MET A 75 -14.32 -21.89 20.04
CA MET A 75 -14.69 -23.05 19.24
C MET A 75 -14.53 -24.36 19.98
N GLU A 76 -13.81 -24.37 21.11
CA GLU A 76 -13.51 -25.61 21.82
C GLU A 76 -14.77 -26.31 22.32
N THR A 77 -15.86 -25.56 22.55
CA THR A 77 -17.07 -26.15 23.11
C THR A 77 -17.87 -26.95 22.09
N LEU A 78 -17.55 -26.86 20.80
CA LEU A 78 -18.25 -27.62 19.77
C LEU A 78 -17.69 -29.03 19.61
N ASN A 79 -16.83 -29.48 20.52
CA ASN A 79 -16.13 -30.75 20.32
C ASN A 79 -17.08 -31.94 20.34
N MET A 80 -18.13 -31.88 21.15
CA MET A 80 -19.02 -33.03 21.30
C MET A 80 -19.86 -33.26 20.05
N THR A 81 -20.18 -32.20 19.30
CA THR A 81 -21.05 -32.29 18.14
C THR A 81 -20.31 -32.44 16.82
N MET A 82 -19.20 -31.73 16.65
CA MET A 82 -18.48 -31.69 15.39
C MET A 82 -16.97 -31.75 15.65
N PRO A 83 -16.19 -32.18 14.67
CA PRO A 83 -14.74 -32.18 14.86
C PRO A 83 -14.16 -30.79 14.74
N LEU A 84 -13.00 -30.61 15.37
CA LEU A 84 -12.31 -29.33 15.42
C LEU A 84 -10.90 -29.48 14.86
N SER A 85 -10.50 -28.53 14.01
CA SER A 85 -9.22 -28.59 13.32
C SER A 85 -8.31 -27.47 13.83
N CYS A 86 -7.08 -27.83 14.20
CA CYS A 86 -6.10 -26.86 14.65
C CYS A 86 -4.71 -27.42 14.39
N THR A 87 -3.74 -26.51 14.25
CA THR A 87 -2.39 -26.86 13.89
C THR A 87 -1.44 -26.50 15.03
N LYS A 88 -0.45 -27.37 15.26
CA LYS A 88 0.53 -27.16 16.31
C LYS A 88 1.73 -26.35 15.80
N ASN A 89 2.37 -26.83 14.74
CA ASN A 89 3.48 -26.11 14.13
C ASN A 89 3.54 -26.38 12.63
N ASN A 90 4.74 -26.32 12.05
CA ASN A 90 4.88 -26.53 10.61
C ASN A 90 4.55 -27.97 10.24
N SER A 91 4.98 -28.94 11.04
CA SER A 91 4.84 -30.35 10.71
C SER A 91 3.54 -30.95 11.23
N HIS A 92 3.13 -30.60 12.45
CA HIS A 92 2.02 -31.27 13.12
C HIS A 92 0.73 -30.48 12.95
N HIS A 93 -0.33 -31.19 12.59
CA HIS A 93 -1.68 -30.65 12.49
C HIS A 93 -2.65 -31.68 13.05
N TYR A 94 -3.78 -31.20 13.58
CA TYR A 94 -4.64 -32.08 14.37
C TYR A 94 -6.12 -31.85 14.05
N ILE A 95 -6.89 -32.93 14.15
CA ILE A 95 -8.35 -32.90 14.12
C ILE A 95 -8.83 -33.63 15.36
N MET A 96 -9.61 -32.93 16.20
CA MET A 96 -10.09 -33.49 17.46
C MET A 96 -11.55 -33.89 17.33
N VAL A 97 -11.86 -35.13 17.68
CA VAL A 97 -13.22 -35.67 17.64
C VAL A 97 -13.56 -36.09 19.07
N GLY A 98 -14.21 -35.20 19.81
CA GLY A 98 -14.51 -35.45 21.20
C GLY A 98 -13.50 -34.82 22.14
N ASN A 99 -13.48 -35.34 23.36
CA ASN A 99 -12.54 -34.88 24.37
C ASN A 99 -11.47 -35.90 24.72
N GLU A 100 -11.54 -37.11 24.14
CA GLU A 100 -10.55 -38.15 24.40
C GLU A 100 -9.99 -38.78 23.13
N THR A 101 -10.47 -38.40 21.96
CA THR A 101 -10.06 -39.02 20.71
C THR A 101 -9.67 -37.93 19.72
N GLY A 102 -8.68 -38.23 18.88
CA GLY A 102 -8.24 -37.27 17.88
C GLY A 102 -7.57 -37.96 16.72
N LEU A 103 -7.08 -37.15 15.79
CA LEU A 103 -6.36 -37.61 14.62
C LEU A 103 -5.18 -36.67 14.37
N GLU A 104 -4.04 -37.25 13.97
CA GLU A 104 -2.80 -36.51 13.83
C GLU A 104 -2.39 -36.45 12.36
N LEU A 105 -2.46 -35.25 11.78
CA LEU A 105 -1.91 -35.00 10.45
C LEU A 105 -0.50 -34.46 10.59
N THR A 106 0.45 -35.11 9.93
CA THR A 106 1.84 -34.69 10.03
C THR A 106 2.51 -34.75 8.67
N LEU A 107 3.49 -33.87 8.47
CA LEU A 107 4.27 -33.78 7.23
C LEU A 107 5.73 -33.93 7.59
N THR A 108 6.31 -35.09 7.28
CA THR A 108 7.71 -35.34 7.58
C THR A 108 8.36 -36.05 6.41
N ASN A 109 9.68 -35.91 6.31
CA ASN A 109 10.46 -36.58 5.28
C ASN A 109 10.70 -38.06 5.59
N THR A 110 10.27 -38.54 6.74
CA THR A 110 10.47 -39.92 7.16
C THR A 110 9.21 -40.74 6.86
N SER A 111 9.40 -41.90 6.26
CA SER A 111 8.29 -42.78 5.91
C SER A 111 7.93 -43.69 7.07
N ILE A 112 6.62 -43.87 7.29
CA ILE A 112 6.13 -44.75 8.35
C ILE A 112 5.58 -46.06 7.80
N ILE A 113 5.33 -46.15 6.50
CA ILE A 113 4.78 -47.34 5.87
C ILE A 113 5.64 -47.65 4.65
N ASN A 114 6.36 -48.77 4.67
CA ASN A 114 7.20 -49.13 3.54
C ASN A 114 6.41 -49.82 2.43
N HIS A 115 5.46 -50.68 2.81
CA HIS A 115 4.69 -51.42 1.82
C HIS A 115 3.74 -50.49 1.06
N LYS A 116 3.35 -50.95 -0.13
CA LYS A 116 2.44 -50.17 -0.96
C LYS A 116 1.11 -50.89 -1.13
N PHE A 117 0.42 -51.17 -0.03
CA PHE A 117 -0.88 -51.81 -0.04
C PHE A 117 -1.87 -50.96 0.75
N CYS A 118 -3.14 -51.33 0.64
CA CYS A 118 -4.21 -50.64 1.35
C CYS A 118 -5.42 -51.56 1.52
N ASN A 119 -5.33 -52.50 2.45
CA ASN A 119 -6.39 -53.49 2.68
C ASN A 119 -7.54 -52.82 3.45
N LEU A 120 -8.36 -52.08 2.70
CA LEU A 120 -9.54 -51.47 3.31
C LEU A 120 -10.65 -52.49 3.49
N SER A 121 -10.82 -53.40 2.53
CA SER A 121 -11.88 -54.41 2.61
C SER A 121 -11.70 -55.28 3.85
N ASP A 122 -10.46 -55.67 4.16
CA ASP A 122 -10.21 -56.46 5.36
C ASP A 122 -10.50 -55.64 6.61
N ALA A 123 -10.09 -54.37 6.63
CA ALA A 123 -10.34 -53.52 7.78
C ALA A 123 -11.83 -53.34 8.04
N HIS A 124 -12.64 -53.29 6.98
CA HIS A 124 -14.08 -53.17 7.17
C HIS A 124 -14.67 -54.45 7.76
N LYS A 125 -14.21 -55.61 7.32
CA LYS A 125 -14.69 -56.87 7.86
C LYS A 125 -14.40 -56.96 9.35
N LYS A 126 -13.13 -56.89 9.73
CA LYS A 126 -12.73 -56.85 11.13
C LYS A 126 -12.90 -55.42 11.63
N ASN A 127 -14.16 -55.06 11.88
CA ASN A 127 -14.50 -53.72 12.33
C ASN A 127 -13.90 -53.44 13.70
N LEU A 128 -12.73 -52.79 13.71
CA LEU A 128 -12.03 -52.47 14.95
C LEU A 128 -11.74 -51.00 15.12
N TYR A 129 -11.92 -50.19 14.07
CA TYR A 129 -11.63 -48.77 14.11
C TYR A 129 -12.83 -47.99 14.64
N ASP A 130 -12.62 -46.68 14.83
CA ASP A 130 -13.68 -45.78 15.22
C ASP A 130 -14.37 -45.26 13.96
N HIS A 131 -15.70 -45.39 13.92
CA HIS A 131 -16.45 -44.94 12.75
C HIS A 131 -16.33 -43.44 12.54
N ALA A 132 -16.17 -42.68 13.63
CA ALA A 132 -16.02 -41.23 13.51
C ALA A 132 -14.73 -40.86 12.80
N LEU A 133 -13.63 -41.55 13.13
CA LEU A 133 -12.36 -41.28 12.48
C LEU A 133 -12.30 -41.84 11.07
N MET A 134 -13.02 -42.95 10.83
CA MET A 134 -13.10 -43.48 9.47
C MET A 134 -13.90 -42.56 8.56
N SER A 135 -14.83 -41.79 9.13
CA SER A 135 -15.59 -40.85 8.33
C SER A 135 -14.73 -39.69 7.85
N ILE A 136 -13.91 -39.13 8.76
CA ILE A 136 -13.11 -37.97 8.40
C ILE A 136 -11.90 -38.36 7.55
N ILE A 137 -11.46 -39.62 7.59
CA ILE A 137 -10.40 -40.05 6.69
C ILE A 137 -10.97 -40.41 5.33
N SER A 138 -12.22 -40.89 5.28
CA SER A 138 -12.87 -41.10 3.99
C SER A 138 -13.22 -39.76 3.34
N THR A 139 -13.61 -38.78 4.16
CA THR A 139 -13.91 -37.45 3.62
C THR A 139 -12.69 -36.83 2.96
N PHE A 140 -11.50 -37.05 3.54
CA PHE A 140 -10.28 -36.49 2.97
C PHE A 140 -10.00 -37.09 1.59
N HIS A 141 -9.93 -38.42 1.52
CA HIS A 141 -9.57 -39.06 0.26
C HIS A 141 -10.62 -38.82 -0.82
N LEU A 142 -11.90 -38.80 -0.44
CA LEU A 142 -12.94 -38.49 -1.41
C LEU A 142 -12.86 -37.05 -1.87
N SER A 143 -12.38 -36.14 -1.02
CA SER A 143 -12.21 -34.75 -1.42
C SER A 143 -11.02 -34.56 -2.34
N ILE A 144 -10.05 -35.47 -2.30
CA ILE A 144 -8.86 -35.38 -3.15
C ILE A 144 -9.28 -35.56 -4.60
N PRO A 145 -9.05 -34.56 -5.46
CA PRO A 145 -9.40 -34.70 -6.87
C PRO A 145 -8.27 -35.29 -7.69
N ASN A 146 -8.68 -35.96 -8.78
CA ASN A 146 -7.74 -36.52 -9.76
C ASN A 146 -6.77 -37.51 -9.12
N PHE A 147 -7.33 -38.50 -8.42
CA PHE A 147 -6.54 -39.53 -7.77
C PHE A 147 -6.46 -40.74 -8.70
N ASN A 148 -5.38 -40.78 -9.48
CA ASN A 148 -5.14 -41.90 -10.39
C ASN A 148 -3.89 -42.70 -10.05
N GLN A 149 -2.99 -42.18 -9.21
CA GLN A 149 -1.77 -42.87 -8.82
C GLN A 149 -2.02 -43.53 -7.47
N TYR A 150 -2.53 -44.77 -7.51
CA TYR A 150 -2.77 -45.53 -6.29
C TYR A 150 -1.51 -46.14 -5.71
N GLU A 151 -0.35 -45.89 -6.31
CA GLU A 151 0.91 -46.36 -5.74
C GLU A 151 1.29 -45.56 -4.51
N ALA A 152 0.96 -44.26 -4.49
CA ALA A 152 1.21 -43.43 -3.32
C ALA A 152 0.25 -43.74 -2.17
N MET A 153 -0.82 -44.49 -2.43
CA MET A 153 -1.80 -44.84 -1.41
C MET A 153 -1.27 -46.03 -0.61
N SER A 154 -0.83 -45.77 0.62
CA SER A 154 -0.33 -46.80 1.52
C SER A 154 -1.07 -46.67 2.85
N CYS A 155 -1.72 -47.75 3.27
CA CYS A 155 -2.58 -47.73 4.45
C CYS A 155 -2.21 -48.87 5.38
N ASP A 156 -2.61 -48.73 6.64
CA ASP A 156 -2.33 -49.74 7.66
C ASP A 156 -3.37 -49.60 8.76
N PHE A 157 -4.12 -50.67 9.02
CA PHE A 157 -5.16 -50.66 10.04
C PHE A 157 -5.07 -51.94 10.87
N ASN A 158 -3.97 -52.11 11.59
CA ASN A 158 -3.76 -53.30 12.42
C ASN A 158 -4.52 -53.14 13.73
N GLY A 159 -5.60 -53.91 13.88
CA GLY A 159 -6.35 -53.90 15.13
C GLY A 159 -7.00 -52.57 15.46
N GLY A 160 -7.50 -51.87 14.44
CA GLY A 160 -8.16 -50.59 14.65
C GLY A 160 -7.25 -49.39 14.70
N LYS A 161 -5.94 -49.60 14.85
CA LYS A 161 -4.97 -48.50 14.85
C LYS A 161 -4.85 -47.96 13.43
N ILE A 162 -5.55 -46.86 13.16
CA ILE A 162 -5.64 -46.33 11.81
C ILE A 162 -4.41 -45.49 11.49
N SER A 163 -3.94 -45.58 10.25
CA SER A 163 -2.77 -44.84 9.79
C SER A 163 -2.67 -44.89 8.27
N VAL A 164 -2.75 -43.73 7.63
CA VAL A 164 -2.71 -43.63 6.18
C VAL A 164 -1.54 -42.74 5.78
N GLN A 165 -0.80 -43.15 4.75
CA GLN A 165 0.36 -42.42 4.26
C GLN A 165 0.19 -42.11 2.77
N TYR A 166 0.62 -40.91 2.38
CA TYR A 166 0.59 -40.47 0.99
C TYR A 166 2.00 -40.16 0.54
N ASN A 167 2.46 -40.83 -0.52
CA ASN A 167 3.77 -40.58 -1.08
C ASN A 167 3.72 -39.33 -1.94
N LEU A 168 4.28 -38.23 -1.43
CA LEU A 168 4.26 -36.95 -2.14
C LEU A 168 5.47 -36.76 -3.04
N SER A 169 6.51 -37.57 -2.90
CA SER A 169 7.72 -37.43 -3.69
C SER A 169 7.49 -38.03 -5.07
N HIS A 170 7.28 -37.17 -6.06
CA HIS A 170 7.07 -37.62 -7.43
C HIS A 170 7.62 -36.59 -8.42
N HIS A 179 7.08 -28.85 -12.85
CA HIS A 179 5.93 -29.73 -13.00
C HIS A 179 4.79 -29.31 -12.08
N CYS A 180 3.56 -29.58 -12.49
CA CYS A 180 2.40 -29.12 -11.74
C CYS A 180 1.22 -30.02 -12.05
N GLY A 181 0.30 -30.12 -11.10
CA GLY A 181 -0.86 -30.97 -11.26
C GLY A 181 -0.62 -32.43 -10.92
N THR A 182 0.45 -32.73 -10.18
CA THR A 182 0.77 -34.11 -9.83
C THR A 182 -0.26 -34.65 -8.84
N VAL A 183 -0.10 -35.94 -8.51
CA VAL A 183 -0.98 -36.57 -7.52
C VAL A 183 -0.77 -35.93 -6.15
N ALA A 184 0.43 -35.39 -5.92
CA ALA A 184 0.69 -34.69 -4.65
C ALA A 184 -0.03 -33.36 -4.57
N ASN A 185 -0.47 -32.79 -5.71
CA ASN A 185 -1.16 -31.52 -5.68
C ASN A 185 -2.53 -31.63 -5.01
N GLY A 186 -3.35 -32.56 -5.49
CA GLY A 186 -4.69 -32.71 -4.94
C GLY A 186 -4.69 -33.13 -3.48
N VAL A 187 -3.64 -33.81 -3.04
CA VAL A 187 -3.55 -34.21 -1.63
C VAL A 187 -3.25 -32.99 -0.77
N LEU A 188 -2.36 -32.10 -1.23
CA LEU A 188 -2.02 -30.91 -0.47
C LEU A 188 -3.18 -29.92 -0.44
N GLN A 189 -3.91 -29.81 -1.55
CA GLN A 189 -5.09 -28.95 -1.59
C GLN A 189 -6.12 -29.40 -0.56
N THR A 190 -6.39 -30.70 -0.51
CA THR A 190 -7.30 -31.25 0.49
C THR A 190 -6.78 -31.04 1.90
N PHE A 191 -5.44 -31.04 2.07
CA PHE A 191 -4.87 -30.86 3.40
C PHE A 191 -5.07 -29.44 3.90
N MET A 192 -4.96 -28.44 3.02
CA MET A 192 -5.14 -27.06 3.43
C MET A 192 -6.55 -26.80 3.92
N ARG A 193 -7.53 -27.44 3.27
CA ARG A 193 -8.92 -27.29 3.72
C ARG A 193 -9.18 -28.06 5.00
N MET A 194 -8.50 -29.20 5.19
CA MET A 194 -8.75 -30.03 6.36
C MET A 194 -8.32 -29.33 7.64
N ALA A 195 -7.12 -28.76 7.66
CA ALA A 195 -6.62 -27.97 8.77
C ALA A 195 -6.63 -26.50 8.37
N TRP A 196 -7.83 -25.94 8.22
CA TRP A 196 -7.98 -24.60 7.66
C TRP A 196 -7.26 -23.56 8.51
N GLY A 197 -7.42 -23.65 9.83
CA GLY A 197 -6.75 -22.73 10.73
C GLY A 197 -5.26 -22.94 10.81
N GLY A 198 -4.49 -22.24 9.96
CA GLY A 198 -3.04 -22.29 10.03
C GLY A 198 -2.40 -23.39 9.21
N SER A 199 -2.83 -23.55 7.95
CA SER A 199 -2.21 -24.50 7.05
C SER A 199 -1.18 -23.86 6.12
N TYR A 200 -1.21 -22.53 5.98
CA TYR A 200 -0.25 -21.85 5.11
C TYR A 200 1.18 -22.01 5.59
N ILE A 201 1.39 -22.36 6.86
CA ILE A 201 2.75 -22.50 7.39
C ILE A 201 3.45 -23.70 6.76
N ALA A 202 2.69 -24.71 6.32
CA ALA A 202 3.29 -25.91 5.76
C ALA A 202 3.76 -25.71 4.32
N LEU A 203 3.26 -24.71 3.62
CA LEU A 203 3.60 -24.46 2.22
C LEU A 203 4.29 -23.11 2.08
N ASP A 204 4.87 -22.88 0.92
CA ASP A 204 5.54 -21.64 0.59
C ASP A 204 4.68 -20.85 -0.39
N SER A 205 4.44 -19.58 -0.05
CA SER A 205 3.54 -18.71 -0.81
C SER A 205 2.19 -19.39 -1.03
N GLY A 206 1.53 -19.68 0.09
CA GLY A 206 0.29 -20.44 0.04
C GLY A 206 -0.79 -19.75 -0.78
N CYS A 207 -0.93 -18.44 -0.60
CA CYS A 207 -1.88 -17.69 -1.41
C CYS A 207 -1.42 -17.51 -2.84
N GLY A 208 -0.16 -17.80 -3.14
CA GLY A 208 0.35 -17.56 -4.48
C GLY A 208 -0.35 -18.39 -5.54
N ASN A 209 -0.63 -19.65 -5.24
CA ASN A 209 -1.18 -20.58 -6.22
C ASN A 209 -2.23 -21.48 -5.57
N TRP A 210 -2.88 -22.27 -6.42
CA TRP A 210 -3.92 -23.20 -6.01
C TRP A 210 -3.69 -24.55 -6.70
N ASP A 211 -3.49 -24.52 -8.02
CA ASP A 211 -3.25 -25.75 -8.76
C ASP A 211 -1.82 -26.23 -8.56
N CYS A 212 -0.84 -25.32 -8.65
CA CYS A 212 0.56 -25.67 -8.46
C CYS A 212 0.94 -25.48 -7.00
N ILE A 213 0.45 -26.40 -6.18
CA ILE A 213 0.65 -26.38 -4.74
C ILE A 213 1.69 -27.44 -4.39
N MET A 214 2.71 -27.04 -3.63
CA MET A 214 3.84 -27.92 -3.40
C MET A 214 4.52 -27.56 -2.08
N THR A 215 5.08 -28.58 -1.43
CA THR A 215 5.81 -28.42 -0.18
C THR A 215 7.17 -29.08 -0.30
N SER A 216 8.02 -28.84 0.69
CA SER A 216 9.36 -29.44 0.71
C SER A 216 9.35 -30.88 1.20
N TYR A 217 8.31 -31.31 1.91
CA TYR A 217 8.26 -32.64 2.47
C TYR A 217 7.85 -33.66 1.41
N GLN A 218 8.00 -34.94 1.76
CA GLN A 218 7.78 -36.03 0.82
C GLN A 218 6.69 -37.00 1.23
N TYR A 219 6.23 -36.96 2.48
CA TYR A 219 5.22 -37.91 2.97
C TYR A 219 4.20 -37.18 3.80
N LEU A 220 2.94 -37.61 3.69
CA LEU A 220 1.84 -37.13 4.52
C LEU A 220 1.29 -38.31 5.32
N ILE A 221 1.50 -38.29 6.62
CA ILE A 221 1.12 -39.38 7.51
C ILE A 221 -0.05 -38.90 8.36
N ILE A 222 -1.09 -39.74 8.46
CA ILE A 222 -2.30 -39.43 9.21
C ILE A 222 -2.52 -40.59 10.18
N GLN A 223 -2.13 -40.39 11.44
CA GLN A 223 -2.27 -41.41 12.48
C GLN A 223 -3.28 -40.96 13.52
N ASN A 224 -3.88 -41.93 14.19
CA ASN A 224 -4.76 -41.64 15.32
C ASN A 224 -3.94 -41.34 16.56
N THR A 225 -4.50 -40.50 17.43
CA THR A 225 -3.78 -40.06 18.62
C THR A 225 -4.77 -39.74 19.73
N THR A 226 -4.24 -39.63 20.94
CA THR A 226 -5.04 -39.24 22.09
C THR A 226 -5.16 -37.72 22.15
N TRP A 227 -6.11 -37.25 22.95
CA TRP A 227 -6.43 -35.83 22.99
C TRP A 227 -5.49 -35.09 23.94
N GLU A 228 -4.86 -34.02 23.44
CA GLU A 228 -4.09 -33.10 24.25
C GLU A 228 -4.30 -31.70 23.69
N ASP A 229 -3.82 -30.70 24.44
CA ASP A 229 -3.93 -29.30 24.01
C ASP A 229 -2.90 -29.02 22.94
N HIS A 230 -3.12 -29.61 21.77
CA HIS A 230 -2.19 -29.47 20.65
C HIS A 230 -2.39 -28.18 19.88
N CYS A 231 -3.50 -27.49 20.09
CA CYS A 231 -3.81 -26.27 19.34
C CYS A 231 -2.86 -25.17 19.80
N GLN A 232 -1.69 -25.14 19.16
CA GLN A 232 -0.63 -24.20 19.51
C GLN A 232 -0.57 -23.01 18.55
N PHE A 233 -0.45 -23.28 17.26
CA PHE A 233 -0.34 -22.18 16.30
C PHE A 233 -1.69 -21.53 16.03
N SER A 234 -2.76 -22.32 16.01
CA SER A 234 -4.09 -21.80 15.73
C SER A 234 -5.09 -22.43 16.71
N ARG A 235 -6.21 -21.75 16.87
CA ARG A 235 -7.31 -22.26 17.68
C ARG A 235 -8.09 -23.31 16.89
N PRO A 236 -8.81 -24.20 17.59
CA PRO A 236 -9.63 -25.20 16.88
C PRO A 236 -10.74 -24.52 16.09
N SER A 237 -11.22 -25.23 15.07
CA SER A 237 -12.26 -24.70 14.21
C SER A 237 -12.93 -25.80 13.40
N PRO A 238 -14.25 -25.88 13.39
CA PRO A 238 -14.94 -26.83 12.51
C PRO A 238 -15.09 -26.33 11.09
N ILE A 239 -14.71 -25.08 10.82
CA ILE A 239 -14.84 -24.52 9.47
C ILE A 239 -14.09 -25.38 8.46
N GLY A 240 -12.99 -26.00 8.87
CA GLY A 240 -12.25 -26.88 7.99
C GLY A 240 -13.06 -28.06 7.52
N TYR A 241 -13.37 -28.98 8.45
CA TYR A 241 -14.02 -30.23 8.08
C TYR A 241 -15.36 -29.99 7.39
N LEU A 242 -16.14 -29.02 7.88
CA LEU A 242 -17.46 -28.76 7.33
C LEU A 242 -17.44 -28.28 5.89
N GLY A 243 -16.29 -27.87 5.38
CA GLY A 243 -16.18 -27.39 4.02
C GLY A 243 -16.06 -28.49 2.99
N LEU A 244 -15.35 -29.57 3.32
CA LEU A 244 -15.12 -30.65 2.38
C LEU A 244 -16.32 -31.58 2.25
N LEU A 245 -17.36 -31.40 3.07
CA LEU A 245 -18.52 -32.29 3.00
C LEU A 245 -19.27 -32.15 1.68
N SER A 246 -19.22 -30.98 1.05
CA SER A 246 -19.84 -30.77 -0.25
C SER A 246 -18.95 -31.20 -1.41
N GLN A 247 -17.63 -31.04 -1.26
CA GLN A 247 -16.68 -31.49 -2.28
C GLN A 247 -16.58 -33.02 -2.35
N ARG A 248 -17.22 -33.73 -1.43
CA ARG A 248 -17.17 -35.18 -1.40
C ARG A 248 -17.59 -35.76 -2.74
N THR A 249 -16.99 -36.91 -3.08
CA THR A 249 -17.21 -37.65 -4.32
C THR A 249 -17.44 -36.72 -5.52
N ARG A 250 -16.53 -35.78 -5.70
CA ARG A 250 -16.53 -34.92 -6.87
C ARG A 250 -15.11 -34.84 -7.44
N ASP A 251 -15.05 -34.62 -8.76
CA ASP A 251 -13.81 -34.60 -9.54
C ASP A 251 -13.06 -35.93 -9.49
N ILE A 252 -13.71 -37.00 -9.04
CA ILE A 252 -13.10 -38.32 -9.01
C ILE A 252 -13.42 -39.05 -10.30
N TYR A 253 -12.43 -39.73 -10.85
CA TYR A 253 -12.59 -40.45 -12.11
C TYR A 253 -13.12 -41.87 -11.86
N ILE A 254 -13.62 -42.48 -12.93
CA ILE A 254 -14.20 -43.81 -12.85
C ILE A 254 -13.12 -44.84 -12.57
N GLU B 2 -18.66 15.66 -14.00
CA GLU B 2 -17.58 14.68 -14.12
C GLU B 2 -16.82 14.58 -12.80
N VAL B 3 -16.22 13.41 -12.55
CA VAL B 3 -15.56 13.14 -11.27
C VAL B 3 -14.29 13.98 -11.16
N GLN B 4 -14.33 15.02 -10.34
CA GLN B 4 -13.18 15.90 -10.16
C GLN B 4 -13.11 16.37 -8.71
N LEU B 5 -11.99 17.00 -8.36
CA LEU B 5 -11.80 17.62 -7.05
C LEU B 5 -11.29 19.04 -7.26
N VAL B 6 -12.02 20.01 -6.71
CA VAL B 6 -11.76 21.42 -6.96
C VAL B 6 -10.89 21.94 -5.82
N GLN B 7 -9.61 22.14 -6.11
CA GLN B 7 -8.65 22.57 -5.11
C GLN B 7 -8.61 24.09 -5.04
N SER B 8 -8.21 24.60 -3.88
CA SER B 8 -8.09 26.03 -3.63
C SER B 8 -7.53 26.22 -2.23
N GLY B 9 -6.76 27.29 -2.05
CA GLY B 9 -6.33 27.69 -0.73
C GLY B 9 -4.86 28.04 -0.58
N GLY B 10 -4.13 28.06 -1.70
CA GLY B 10 -2.71 28.35 -1.63
C GLY B 10 -2.41 29.77 -1.21
N GLY B 11 -1.16 30.01 -0.83
CA GLY B 11 -0.75 31.34 -0.43
C GLY B 11 0.56 31.32 0.32
N LEU B 12 1.05 32.52 0.62
CA LEU B 12 2.28 32.72 1.36
C LEU B 12 1.97 33.28 2.74
N VAL B 13 2.61 32.73 3.77
CA VAL B 13 2.42 33.16 5.14
C VAL B 13 3.76 33.16 5.86
N ARG B 14 3.85 34.00 6.90
CA ARG B 14 5.03 34.00 7.75
C ARG B 14 4.98 32.84 8.73
N PRO B 15 6.13 32.30 9.13
CA PRO B 15 6.15 31.18 10.07
C PRO B 15 5.48 31.55 11.38
N GLY B 16 4.40 30.83 11.70
CA GLY B 16 3.57 31.11 12.85
C GLY B 16 2.12 31.38 12.51
N GLY B 17 1.87 31.90 11.29
CA GLY B 17 0.52 32.13 10.84
C GLY B 17 -0.13 30.87 10.28
N SER B 18 -1.45 30.93 10.14
CA SER B 18 -2.25 29.80 9.69
C SER B 18 -2.66 29.98 8.24
N LEU B 19 -3.15 28.89 7.65
CA LEU B 19 -3.60 28.89 6.28
C LEU B 19 -4.61 27.75 6.10
N ARG B 20 -5.71 28.04 5.42
CA ARG B 20 -6.79 27.08 5.22
C ARG B 20 -6.74 26.54 3.80
N LEU B 21 -6.76 25.22 3.67
CA LEU B 21 -6.88 24.56 2.38
C LEU B 21 -8.28 23.99 2.23
N SER B 22 -8.84 24.11 1.03
CA SER B 22 -10.16 23.60 0.73
C SER B 22 -10.10 22.69 -0.49
N CYS B 23 -11.16 21.91 -0.67
CA CYS B 23 -11.22 20.97 -1.79
C CYS B 23 -12.68 20.54 -1.93
N ALA B 24 -13.31 20.95 -3.03
CA ALA B 24 -14.73 20.70 -3.26
C ALA B 24 -14.93 19.42 -4.07
N ALA B 25 -16.09 18.80 -3.87
CA ALA B 25 -16.45 17.58 -4.59
C ALA B 25 -17.27 17.92 -5.83
N ALA B 26 -16.99 17.21 -6.92
CA ALA B 26 -17.65 17.47 -8.19
C ALA B 26 -18.06 16.15 -8.82
N GLY B 27 -19.36 15.88 -8.85
CA GLY B 27 -19.88 14.74 -9.59
C GLY B 27 -19.69 13.39 -8.95
N PHE B 28 -19.71 13.32 -7.61
CA PHE B 28 -19.64 12.03 -6.94
C PHE B 28 -20.15 12.20 -5.52
N THR B 29 -20.65 11.09 -4.97
CA THR B 29 -21.14 11.07 -3.58
C THR B 29 -19.96 11.30 -2.65
N PHE B 30 -19.86 12.53 -2.11
CA PHE B 30 -18.71 12.89 -1.30
C PHE B 30 -18.73 12.18 0.05
N LYS B 31 -19.90 12.08 0.67
CA LYS B 31 -20.00 11.46 2.00
C LYS B 31 -19.70 9.96 1.97
N SER B 32 -19.58 9.36 0.78
CA SER B 32 -19.33 7.93 0.67
C SER B 32 -17.85 7.57 0.77
N TYR B 33 -16.95 8.49 0.46
CA TYR B 33 -15.52 8.20 0.40
C TYR B 33 -14.78 8.93 1.52
N SER B 34 -13.59 8.40 1.82
CA SER B 34 -12.70 9.03 2.79
C SER B 34 -11.76 9.99 2.07
N MET B 35 -11.37 11.06 2.77
CA MET B 35 -10.54 12.12 2.22
C MET B 35 -9.16 12.11 2.85
N ASN B 36 -8.15 12.38 2.03
CA ASN B 36 -6.77 12.40 2.47
C ASN B 36 -6.05 13.62 1.92
N TRP B 37 -5.04 14.08 2.65
CA TRP B 37 -4.19 15.18 2.24
C TRP B 37 -2.77 14.67 2.02
N VAL B 38 -2.12 15.20 0.99
CA VAL B 38 -0.81 14.71 0.55
C VAL B 38 -0.01 15.89 0.03
N ARG B 39 1.24 16.01 0.49
CA ARG B 39 2.11 17.11 0.09
C ARG B 39 3.41 16.58 -0.48
N GLN B 40 4.13 17.45 -1.18
CA GLN B 40 5.43 17.13 -1.77
C GLN B 40 6.36 18.31 -1.55
N ALA B 41 7.31 18.16 -0.63
CA ALA B 41 8.28 19.20 -0.36
C ALA B 41 9.13 19.44 -1.60
N PRO B 42 9.69 20.65 -1.75
CA PRO B 42 10.51 20.95 -2.94
C PRO B 42 11.70 20.01 -3.02
N GLY B 43 11.85 19.37 -4.17
CA GLY B 43 12.95 18.44 -4.39
C GLY B 43 12.93 17.24 -3.46
N ARG B 44 11.76 16.82 -3.02
CA ARG B 44 11.62 15.72 -2.08
C ARG B 44 10.61 14.71 -2.61
N GLY B 45 10.51 13.58 -1.91
CA GLY B 45 9.57 12.55 -2.27
C GLY B 45 8.16 12.91 -1.85
N LEU B 46 7.26 11.94 -2.06
CA LEU B 46 5.85 12.14 -1.75
C LEU B 46 5.63 11.89 -0.26
N GLU B 47 4.74 12.68 0.35
CA GLU B 47 4.48 12.59 1.78
C GLU B 47 2.98 12.56 2.04
N TRP B 48 2.61 11.94 3.15
CA TRP B 48 1.23 11.92 3.64
C TRP B 48 1.06 12.92 4.78
N VAL B 49 0.00 13.71 4.70
CA VAL B 49 -0.25 14.75 5.69
C VAL B 49 -1.25 14.29 6.73
N SER B 50 -2.51 14.11 6.30
CA SER B 50 -3.59 13.75 7.21
C SER B 50 -4.65 12.97 6.44
N SER B 51 -5.64 12.49 7.17
CA SER B 51 -6.74 11.73 6.58
C SER B 51 -7.94 11.81 7.52
N ILE B 52 -9.13 11.92 6.93
CA ILE B 52 -10.39 11.88 7.68
C ILE B 52 -11.34 10.93 6.96
N THR B 53 -11.94 10.03 7.72
CA THR B 53 -12.83 9.05 7.13
C THR B 53 -14.13 9.72 6.68
N SER B 54 -14.88 8.98 5.86
CA SER B 54 -16.24 9.41 5.52
C SER B 54 -17.05 9.55 6.79
N GLY B 55 -17.91 10.57 6.83
CA GLY B 55 -18.63 10.87 8.04
C GLY B 55 -17.82 11.50 9.14
N GLY B 56 -16.51 11.69 8.92
CA GLY B 56 -15.67 12.45 9.84
C GLY B 56 -15.63 11.93 11.26
N SER B 57 -15.61 10.60 11.42
CA SER B 57 -15.61 10.06 12.78
C SER B 57 -14.19 9.96 13.33
N LYS B 58 -13.23 9.54 12.50
CA LYS B 58 -11.85 9.36 12.91
C LYS B 58 -10.94 10.22 12.05
N THR B 59 -10.00 10.92 12.70
CA THR B 59 -9.03 11.76 12.02
C THR B 59 -7.62 11.30 12.39
N TYR B 60 -6.72 11.32 11.41
CA TYR B 60 -5.34 10.91 11.59
C TYR B 60 -4.41 11.97 11.02
N TYR B 61 -3.20 12.03 11.58
CA TYR B 61 -2.20 13.00 11.16
C TYR B 61 -0.83 12.34 11.17
N ALA B 62 0.07 12.88 10.35
CA ALA B 62 1.47 12.46 10.38
C ALA B 62 2.19 13.13 11.55
N ASP B 63 3.18 12.42 12.10
CA ASP B 63 3.87 12.89 13.30
C ASP B 63 4.49 14.27 13.12
N VAL B 64 4.76 14.68 11.88
CA VAL B 64 5.35 15.99 11.65
C VAL B 64 4.32 17.10 11.89
N VAL B 65 3.16 17.01 11.25
CA VAL B 65 2.17 18.07 11.30
C VAL B 65 1.15 17.80 12.40
N LYS B 66 1.51 16.95 13.36
CA LYS B 66 0.63 16.68 14.49
C LYS B 66 0.54 17.92 15.37
N GLY B 67 -0.68 18.39 15.60
CA GLY B 67 -0.89 19.57 16.40
C GLY B 67 -1.04 20.84 15.58
N ARG B 68 -0.16 21.02 14.60
CA ARG B 68 -0.22 22.21 13.76
C ARG B 68 -1.35 22.14 12.75
N PHE B 69 -1.74 20.94 12.34
CA PHE B 69 -2.72 20.76 11.28
C PHE B 69 -4.02 20.18 11.84
N THR B 70 -5.13 20.57 11.21
CA THR B 70 -6.47 20.17 11.66
C THR B 70 -7.32 19.87 10.44
N VAL B 71 -7.52 18.59 10.14
CA VAL B 71 -8.30 18.18 8.98
C VAL B 71 -9.77 18.07 9.37
N SER B 72 -10.64 18.61 8.53
CA SER B 72 -12.07 18.57 8.78
C SER B 72 -12.79 18.47 7.43
N ARG B 73 -14.07 18.11 7.49
CA ARG B 73 -14.86 17.98 6.28
C ARG B 73 -16.31 18.35 6.58
N ASP B 74 -16.98 18.90 5.57
CA ASP B 74 -18.39 19.27 5.65
C ASP B 74 -19.12 18.39 4.64
N ASN B 75 -19.63 17.25 5.11
CA ASN B 75 -20.29 16.31 4.21
C ASN B 75 -21.60 16.86 3.64
N ALA B 76 -22.13 17.94 4.22
CA ALA B 76 -23.30 18.59 3.65
C ALA B 76 -22.92 19.44 2.45
N LYS B 77 -21.86 20.24 2.58
CA LYS B 77 -21.35 21.04 1.48
C LYS B 77 -20.54 20.25 0.48
N GLN B 78 -20.21 18.99 0.80
CA GLN B 78 -19.34 18.15 -0.02
C GLN B 78 -17.99 18.83 -0.24
N SER B 79 -17.30 19.08 0.87
CA SER B 79 -16.05 19.83 0.85
C SER B 79 -15.10 19.28 1.90
N LEU B 80 -13.81 19.27 1.58
CA LEU B 80 -12.75 18.87 2.50
C LEU B 80 -11.91 20.09 2.86
N TYR B 81 -11.46 20.15 4.11
CA TYR B 81 -10.70 21.29 4.61
C TYR B 81 -9.43 20.81 5.31
N LEU B 82 -8.49 21.74 5.48
CA LEU B 82 -7.25 21.45 6.19
C LEU B 82 -6.70 22.76 6.73
N GLN B 83 -6.77 22.94 8.05
CA GLN B 83 -6.24 24.13 8.71
C GLN B 83 -4.80 23.89 9.13
N MET B 84 -3.94 24.88 8.92
CA MET B 84 -2.50 24.75 9.17
C MET B 84 -2.07 25.82 10.16
N ASN B 85 -2.46 25.67 11.41
CA ASN B 85 -2.07 26.63 12.42
C ASN B 85 -0.59 26.49 12.77
N SER B 86 0.05 27.61 13.04
CA SER B 86 1.46 27.66 13.44
C SER B 86 2.34 26.92 12.43
N LEU B 87 2.39 27.46 11.23
CA LEU B 87 3.20 26.87 10.17
C LEU B 87 4.67 27.14 10.39
N ARG B 88 5.51 26.25 9.87
CA ARG B 88 6.96 26.37 9.98
C ARG B 88 7.58 26.37 8.59
N ALA B 89 8.90 26.51 8.55
CA ALA B 89 9.62 26.65 7.28
C ALA B 89 9.46 25.39 6.42
N GLU B 90 9.69 24.21 7.02
CA GLU B 90 9.66 22.96 6.27
C GLU B 90 8.29 22.62 5.70
N ASP B 91 7.24 23.33 6.13
CA ASP B 91 5.89 23.07 5.64
C ASP B 91 5.64 23.60 4.23
N THR B 92 6.60 24.31 3.63
CA THR B 92 6.41 24.79 2.28
C THR B 92 6.49 23.62 1.30
N ALA B 93 5.45 23.47 0.48
CA ALA B 93 5.32 22.34 -0.43
C ALA B 93 4.06 22.55 -1.27
N ILE B 94 3.84 21.64 -2.21
CA ILE B 94 2.60 21.56 -2.96
C ILE B 94 1.72 20.51 -2.30
N TYR B 95 0.43 20.84 -2.13
CA TYR B 95 -0.49 19.98 -1.39
C TYR B 95 -1.61 19.49 -2.30
N PHE B 96 -2.03 18.24 -2.08
CA PHE B 96 -3.05 17.61 -2.89
C PHE B 96 -4.13 17.02 -2.00
N CYS B 97 -5.35 17.00 -2.52
CA CYS B 97 -6.49 16.39 -1.86
C CYS B 97 -6.96 15.24 -2.75
N ALA B 98 -7.01 14.04 -2.17
CA ALA B 98 -7.42 12.85 -2.92
C ALA B 98 -8.38 12.03 -2.08
N ARG B 99 -9.32 11.38 -2.77
CA ARG B 99 -10.32 10.56 -2.11
C ARG B 99 -9.89 9.10 -2.14
N SER B 100 -10.31 8.36 -1.10
CA SER B 100 -10.01 6.94 -0.98
C SER B 100 -11.20 6.24 -0.34
N LEU B 101 -11.24 4.92 -0.51
CA LEU B 101 -12.28 4.10 0.10
C LEU B 101 -11.63 2.85 0.68
N HIS B 102 -11.61 2.75 2.00
CA HIS B 102 -11.03 1.61 2.69
C HIS B 102 -12.19 0.74 3.19
N SER B 103 -12.37 -0.41 2.55
CA SER B 103 -13.50 -1.27 2.85
C SER B 103 -13.09 -2.73 2.65
N THR B 104 -13.94 -3.63 3.12
CA THR B 104 -13.74 -5.05 2.86
C THR B 104 -13.84 -5.35 1.37
N SER B 105 -14.69 -4.61 0.66
CA SER B 105 -15.02 -4.92 -0.74
C SER B 105 -13.88 -4.58 -1.70
N GLN B 106 -13.07 -3.58 -1.41
CA GLN B 106 -12.12 -3.08 -2.39
C GLN B 106 -10.82 -2.70 -1.68
N PRO B 107 -9.68 -2.72 -2.41
CA PRO B 107 -8.39 -2.41 -1.79
C PRO B 107 -8.19 -0.93 -1.46
N SER B 108 -6.97 -0.57 -1.06
CA SER B 108 -6.63 0.80 -0.74
C SER B 108 -6.04 1.49 -1.96
N TYR B 109 -6.54 2.69 -2.26
CA TYR B 109 -6.09 3.44 -3.42
C TYR B 109 -6.54 4.88 -3.28
N MET B 110 -5.93 5.76 -4.07
CA MET B 110 -6.30 7.18 -4.15
C MET B 110 -6.47 7.49 -5.63
N ASP B 111 -7.69 7.29 -6.14
CA ASP B 111 -7.90 7.35 -7.58
C ASP B 111 -8.16 8.76 -8.07
N VAL B 112 -8.99 9.52 -7.35
CA VAL B 112 -9.37 10.88 -7.74
C VAL B 112 -8.49 11.88 -7.00
N TRP B 113 -7.86 12.78 -7.74
CA TRP B 113 -6.94 13.76 -7.19
C TRP B 113 -7.31 15.16 -7.67
N GLY B 114 -7.10 16.14 -6.80
CA GLY B 114 -7.19 17.52 -7.20
C GLY B 114 -5.84 18.08 -7.59
N ARG B 115 -5.86 19.20 -8.31
CA ARG B 115 -4.62 19.79 -8.78
C ARG B 115 -3.80 20.32 -7.60
N LYS B 116 -2.60 20.80 -7.93
CA LYS B 116 -1.64 21.20 -6.91
C LYS B 116 -2.10 22.46 -6.17
N ILE B 117 -1.65 22.60 -4.93
CA ILE B 117 -1.92 23.76 -4.09
C ILE B 117 -0.58 24.26 -3.57
N THR B 118 -0.16 25.43 -4.04
CA THR B 118 1.16 25.95 -3.69
C THR B 118 1.11 26.64 -2.33
N VAL B 119 1.86 26.11 -1.37
CA VAL B 119 1.95 26.67 -0.03
C VAL B 119 3.41 27.03 0.24
N ILE B 120 3.66 28.31 0.54
CA ILE B 120 4.99 28.81 0.84
C ILE B 120 4.95 29.44 2.22
N VAL B 121 5.74 28.90 3.14
CA VAL B 121 5.86 29.44 4.49
C VAL B 121 7.29 29.93 4.64
N SER B 122 7.47 31.25 4.56
CA SER B 122 8.79 31.85 4.64
C SER B 122 8.68 33.23 5.26
N SER B 123 9.70 33.61 6.02
CA SER B 123 9.73 34.90 6.69
C SER B 123 10.13 36.04 5.74
N ALA B 124 10.60 35.72 4.54
CA ALA B 124 11.00 36.77 3.60
C ALA B 124 9.77 37.47 3.04
N SER B 125 9.99 38.68 2.54
CA SER B 125 8.93 39.50 1.97
C SER B 125 9.07 39.58 0.45
N THR B 126 8.03 40.10 -0.19
CA THR B 126 7.99 40.18 -1.65
C THR B 126 9.00 41.21 -2.14
N LYS B 127 9.94 40.77 -2.97
CA LYS B 127 10.98 41.63 -3.51
C LYS B 127 11.20 41.31 -4.99
N GLY B 128 11.43 42.35 -5.79
CA GLY B 128 11.68 42.17 -7.19
C GLY B 128 13.05 41.60 -7.47
N PRO B 129 13.24 41.05 -8.66
CA PRO B 129 14.52 40.43 -9.01
C PRO B 129 15.54 41.46 -9.49
N SER B 130 16.80 41.06 -9.39
CA SER B 130 17.92 41.84 -9.91
C SER B 130 18.61 41.03 -10.99
N VAL B 131 18.58 41.54 -12.22
CA VAL B 131 19.07 40.81 -13.39
C VAL B 131 20.50 41.28 -13.66
N PHE B 132 21.46 40.37 -13.50
CA PHE B 132 22.86 40.63 -13.81
C PHE B 132 23.29 39.79 -14.99
N PRO B 133 23.97 40.36 -15.99
CA PRO B 133 24.32 39.60 -17.19
C PRO B 133 25.44 38.61 -16.91
N LEU B 134 25.57 37.66 -17.85
CA LEU B 134 26.62 36.63 -17.82
C LEU B 134 27.15 36.51 -19.24
N ALA B 135 28.22 37.23 -19.55
CA ALA B 135 28.74 37.28 -20.91
C ALA B 135 30.09 36.58 -21.00
N PRO B 136 30.42 35.99 -22.16
CA PRO B 136 31.71 35.32 -22.30
C PRO B 136 32.79 36.25 -22.85
N SER B 137 33.96 35.71 -23.15
CA SER B 137 35.05 36.50 -23.69
C SER B 137 36.00 35.58 -24.45
N SER B 138 36.37 35.98 -25.66
CA SER B 138 37.28 35.18 -26.48
C SER B 138 38.72 35.32 -26.01
N GLY B 144 32.58 26.20 -32.87
CA GLY B 144 32.71 27.65 -32.77
C GLY B 144 31.47 28.32 -32.23
N THR B 145 31.05 27.91 -31.02
CA THR B 145 29.87 28.47 -30.37
C THR B 145 30.21 28.82 -28.92
N ALA B 146 29.65 29.93 -28.45
CA ALA B 146 29.85 30.40 -27.10
C ALA B 146 28.55 30.28 -26.31
N ALA B 147 28.56 30.80 -25.08
CA ALA B 147 27.39 30.72 -24.21
C ALA B 147 27.31 31.95 -23.34
N LEU B 148 26.14 32.56 -23.29
CA LEU B 148 25.89 33.74 -22.47
C LEU B 148 24.49 33.64 -21.87
N GLY B 149 24.29 34.34 -20.76
CA GLY B 149 23.02 34.27 -20.09
C GLY B 149 22.80 35.41 -19.11
N CYS B 150 21.70 35.30 -18.37
CA CYS B 150 21.32 36.26 -17.35
C CYS B 150 21.29 35.59 -15.98
N LEU B 151 21.30 36.41 -14.94
CA LEU B 151 21.25 35.94 -13.56
C LEU B 151 20.13 36.65 -12.84
N VAL B 152 19.05 35.92 -12.54
CA VAL B 152 17.93 36.45 -11.78
C VAL B 152 18.20 36.13 -10.31
N LYS B 153 18.64 37.13 -9.55
CA LYS B 153 19.08 36.94 -8.18
C LYS B 153 18.21 37.75 -7.23
N ASP B 154 17.96 37.18 -6.05
CA ASP B 154 17.24 37.83 -4.95
C ASP B 154 15.85 38.30 -5.38
N TYR B 155 14.88 37.39 -5.35
CA TYR B 155 13.50 37.73 -5.64
C TYR B 155 12.60 36.80 -4.85
N PHE B 156 11.36 37.26 -4.61
CA PHE B 156 10.44 36.52 -3.77
C PHE B 156 9.03 36.99 -4.05
N PRO B 157 8.05 36.10 -4.21
CA PRO B 157 8.28 34.65 -4.20
C PRO B 157 8.50 34.09 -5.59
N GLU B 158 8.23 32.80 -5.75
CA GLU B 158 8.21 32.16 -7.05
C GLU B 158 6.90 32.47 -7.78
N PRO B 159 6.88 32.34 -9.11
CA PRO B 159 7.99 32.05 -10.01
C PRO B 159 8.35 33.26 -10.86
N VAL B 160 9.31 33.09 -11.78
CA VAL B 160 9.72 34.14 -12.70
C VAL B 160 9.92 33.51 -14.07
N THR B 161 9.39 34.17 -15.10
CA THR B 161 9.49 33.69 -16.47
C THR B 161 10.53 34.52 -17.22
N VAL B 162 11.42 33.83 -17.94
CA VAL B 162 12.51 34.47 -18.66
C VAL B 162 12.46 34.00 -20.11
N SER B 163 12.50 34.93 -21.05
CA SER B 163 12.63 34.66 -22.47
C SER B 163 13.84 35.39 -23.01
N TRP B 164 14.14 35.18 -24.30
CA TRP B 164 15.32 35.74 -24.94
C TRP B 164 14.94 36.40 -26.25
N ASN B 165 15.44 37.63 -26.45
CA ASN B 165 15.22 38.39 -27.68
C ASN B 165 13.74 38.47 -28.03
N SER B 166 12.97 39.05 -27.11
CA SER B 166 11.53 39.21 -27.27
C SER B 166 10.82 37.88 -27.52
N GLY B 167 11.42 36.78 -27.05
CA GLY B 167 10.86 35.46 -27.23
C GLY B 167 11.18 34.80 -28.55
N ALA B 168 11.93 35.46 -29.44
CA ALA B 168 12.25 34.86 -30.73
C ALA B 168 13.31 33.78 -30.58
N LEU B 169 14.38 34.07 -29.84
CA LEU B 169 15.44 33.10 -29.63
C LEU B 169 14.96 32.00 -28.69
N THR B 170 14.96 30.76 -29.16
CA THR B 170 14.48 29.63 -28.37
C THR B 170 15.49 28.48 -28.42
N SER B 171 16.24 28.38 -29.50
CA SER B 171 17.17 27.26 -29.67
C SER B 171 18.35 27.40 -28.72
N GLY B 172 18.59 26.35 -27.94
CA GLY B 172 19.73 26.31 -27.04
C GLY B 172 19.54 27.06 -25.73
N VAL B 173 18.32 27.45 -25.39
CA VAL B 173 18.06 28.19 -24.16
C VAL B 173 17.91 27.21 -23.02
N HIS B 174 18.49 27.55 -21.87
CA HIS B 174 18.41 26.74 -20.66
C HIS B 174 18.04 27.65 -19.48
N THR B 175 16.76 27.68 -19.14
CA THR B 175 16.29 28.38 -17.95
C THR B 175 16.38 27.41 -16.78
N PHE B 176 17.35 27.64 -15.89
CA PHE B 176 17.64 26.69 -14.83
C PHE B 176 16.64 26.81 -13.69
N PRO B 177 16.37 25.71 -12.99
CA PRO B 177 15.43 25.77 -11.86
C PRO B 177 15.97 26.67 -10.76
N ALA B 178 15.06 27.42 -10.13
CA ALA B 178 15.46 28.36 -9.10
C ALA B 178 15.83 27.62 -7.82
N VAL B 179 16.83 28.15 -7.11
CA VAL B 179 17.24 27.62 -5.82
C VAL B 179 17.05 28.71 -4.78
N LEU B 180 16.86 28.29 -3.53
CA LEU B 180 16.58 29.18 -2.43
C LEU B 180 17.88 29.45 -1.66
N GLN B 181 18.29 30.71 -1.60
CA GLN B 181 19.52 31.09 -0.93
C GLN B 181 19.35 31.03 0.59
N SER B 182 20.47 31.24 1.30
CA SER B 182 20.43 31.22 2.75
C SER B 182 19.62 32.39 3.30
N SER B 183 19.55 33.49 2.58
CA SER B 183 18.76 34.66 2.99
C SER B 183 17.27 34.47 2.80
N GLY B 184 16.84 33.35 2.23
CA GLY B 184 15.44 33.12 1.98
C GLY B 184 14.92 33.72 0.69
N LEU B 185 15.79 33.99 -0.28
CA LEU B 185 15.41 34.58 -1.56
C LEU B 185 15.78 33.65 -2.69
N TYR B 186 14.87 33.47 -3.64
CA TYR B 186 15.13 32.57 -4.77
C TYR B 186 16.12 33.21 -5.74
N SER B 187 16.73 32.36 -6.57
CA SER B 187 17.69 32.82 -7.55
C SER B 187 17.90 31.73 -8.60
N LEU B 188 17.97 32.13 -9.86
CA LEU B 188 18.19 31.21 -10.96
C LEU B 188 19.03 31.90 -12.03
N SER B 189 19.39 31.15 -13.06
CA SER B 189 20.16 31.67 -14.18
C SER B 189 19.60 31.08 -15.47
N SER B 190 19.41 31.93 -16.46
CA SER B 190 18.91 31.53 -17.77
C SER B 190 20.00 31.80 -18.80
N VAL B 191 20.51 30.72 -19.41
CA VAL B 191 21.62 30.81 -20.35
C VAL B 191 21.18 30.26 -21.71
N VAL B 192 21.95 30.62 -22.73
CA VAL B 192 21.66 30.21 -24.10
C VAL B 192 22.98 30.08 -24.86
N THR B 193 23.08 29.04 -25.69
CA THR B 193 24.26 28.82 -26.51
C THR B 193 24.08 29.51 -27.86
N VAL B 194 25.07 30.32 -28.24
CA VAL B 194 25.00 31.11 -29.47
C VAL B 194 26.29 30.92 -30.26
N PRO B 195 26.27 31.10 -31.58
CA PRO B 195 27.52 31.00 -32.35
C PRO B 195 28.47 32.15 -32.03
N SER B 196 29.76 31.84 -32.08
CA SER B 196 30.78 32.84 -31.76
C SER B 196 30.81 33.96 -32.79
N SER B 197 30.44 33.67 -34.03
CA SER B 197 30.49 34.67 -35.10
C SER B 197 29.42 35.74 -34.94
N SER B 198 28.42 35.53 -34.09
CA SER B 198 27.34 36.49 -33.91
C SER B 198 27.56 37.43 -32.73
N LEU B 199 28.54 37.16 -31.87
CA LEU B 199 28.82 38.05 -30.75
C LEU B 199 29.29 39.41 -31.25
N GLY B 200 28.88 40.46 -30.55
CA GLY B 200 29.14 41.81 -30.99
C GLY B 200 28.36 42.24 -32.22
N THR B 201 27.58 41.34 -32.81
CA THR B 201 26.79 41.61 -34.01
C THR B 201 25.30 41.42 -33.77
N GLN B 202 24.91 40.26 -33.25
CA GLN B 202 23.52 40.00 -32.90
C GLN B 202 23.29 40.44 -31.46
N THR B 203 22.33 41.33 -31.25
CA THR B 203 22.03 41.82 -29.90
C THR B 203 21.29 40.77 -29.11
N TYR B 204 21.75 40.52 -27.88
CA TYR B 204 21.18 39.49 -27.01
C TYR B 204 20.63 40.15 -25.77
N ILE B 205 19.33 39.97 -25.54
CA ILE B 205 18.64 40.52 -24.38
C ILE B 205 17.75 39.44 -23.79
N CYS B 206 17.72 39.36 -22.46
CA CYS B 206 16.84 38.43 -21.76
C CYS B 206 15.65 39.21 -21.21
N ASN B 207 14.45 38.65 -21.39
CA ASN B 207 13.21 39.29 -21.00
C ASN B 207 12.70 38.60 -19.73
N VAL B 208 13.05 39.18 -18.58
CA VAL B 208 12.67 38.66 -17.28
C VAL B 208 11.38 39.33 -16.83
N ASN B 209 10.43 38.53 -16.36
CA ASN B 209 9.16 39.05 -15.83
C ASN B 209 8.89 38.38 -14.50
N HIS B 210 8.70 39.19 -13.47
CA HIS B 210 8.37 38.72 -12.13
C HIS B 210 6.91 39.03 -11.88
N LYS B 211 6.05 38.03 -12.05
CA LYS B 211 4.61 38.25 -11.86
C LYS B 211 4.28 38.82 -10.48
N PRO B 212 4.86 38.35 -9.37
CA PRO B 212 4.71 39.09 -8.12
C PRO B 212 5.46 40.42 -8.20
N SER B 213 4.79 41.49 -7.76
CA SER B 213 5.24 42.88 -7.82
C SER B 213 5.26 43.44 -9.24
N ASN B 214 4.88 42.66 -10.25
CA ASN B 214 4.76 43.10 -11.64
C ASN B 214 6.03 43.80 -12.12
N THR B 215 7.12 43.03 -12.11
CA THR B 215 8.43 43.52 -12.51
C THR B 215 8.77 43.03 -13.92
N LYS B 216 9.19 43.94 -14.78
CA LYS B 216 9.55 43.64 -16.16
C LYS B 216 10.91 44.27 -16.45
N VAL B 217 11.96 43.45 -16.44
CA VAL B 217 13.33 43.91 -16.65
C VAL B 217 13.85 43.32 -17.96
N ASP B 218 14.50 44.15 -18.76
CA ASP B 218 15.11 43.74 -20.03
C ASP B 218 16.59 44.11 -19.96
N LYS B 219 17.45 43.13 -19.66
CA LYS B 219 18.87 43.36 -19.52
C LYS B 219 19.59 43.00 -20.80
N ARG B 220 20.47 43.89 -21.26
CA ARG B 220 21.26 43.68 -22.46
C ARG B 220 22.56 42.97 -22.09
N VAL B 221 22.76 41.78 -22.64
CA VAL B 221 23.94 40.98 -22.37
C VAL B 221 24.91 41.16 -23.53
N GLU B 222 26.05 41.80 -23.25
CA GLU B 222 27.06 42.03 -24.26
C GLU B 222 28.43 41.60 -23.73
N PRO B 223 29.27 41.02 -24.58
CA PRO B 223 30.56 40.50 -24.10
C PRO B 223 31.47 41.59 -23.57
N LYS B 224 32.38 41.19 -22.68
CA LYS B 224 33.34 42.11 -22.09
C LYS B 224 34.70 41.97 -22.78
N ASP C 2 8.14 2.41 12.56
CA ASP C 2 7.41 2.83 11.38
C ASP C 2 7.86 2.06 10.14
N ILE C 3 6.92 1.80 9.23
CA ILE C 3 7.22 1.04 8.02
C ILE C 3 8.08 1.89 7.09
N VAL C 4 9.12 1.27 6.53
CA VAL C 4 10.04 1.93 5.61
C VAL C 4 9.88 1.26 4.25
N LEU C 5 9.54 2.05 3.23
CA LEU C 5 9.40 1.56 1.87
C LEU C 5 10.67 1.86 1.08
N THR C 6 11.34 0.82 0.61
CA THR C 6 12.59 0.94 -0.12
C THR C 6 12.33 0.66 -1.60
N GLN C 7 12.50 1.67 -2.43
CA GLN C 7 12.31 1.52 -3.87
C GLN C 7 13.67 1.39 -4.54
N SER C 8 13.84 0.33 -5.33
CA SER C 8 15.10 0.05 -5.99
C SER C 8 14.83 -0.22 -7.47
N PRO C 9 15.57 0.42 -8.38
CA PRO C 9 16.62 1.39 -8.05
C PRO C 9 16.09 2.81 -7.92
N GLY C 10 16.89 3.70 -7.32
CA GLY C 10 16.51 5.10 -7.26
C GLY C 10 16.68 5.83 -8.58
N THR C 11 17.43 5.25 -9.52
CA THR C 11 17.63 5.80 -10.85
C THR C 11 17.63 4.66 -11.84
N LEU C 12 16.88 4.81 -12.93
CA LEU C 12 16.74 3.76 -13.92
C LEU C 12 16.90 4.35 -15.32
N SER C 13 17.68 3.67 -16.16
CA SER C 13 17.96 4.11 -17.52
C SER C 13 17.54 3.03 -18.49
N LEU C 14 16.68 3.39 -19.44
CA LEU C 14 16.21 2.45 -20.46
C LEU C 14 15.97 3.21 -21.75
N SER C 15 15.27 2.58 -22.69
CA SER C 15 14.90 3.15 -23.96
C SER C 15 13.53 2.63 -24.32
N PRO C 16 12.80 3.34 -25.19
CA PRO C 16 11.45 2.89 -25.56
C PRO C 16 11.45 1.48 -26.13
N GLY C 17 10.60 0.63 -25.56
CA GLY C 17 10.48 -0.76 -25.96
C GLY C 17 11.10 -1.76 -25.00
N GLU C 18 11.73 -1.30 -23.93
CA GLU C 18 12.39 -2.18 -22.98
C GLU C 18 11.49 -2.49 -21.79
N ARG C 19 11.90 -3.49 -21.01
CA ARG C 19 11.15 -3.97 -19.86
C ARG C 19 11.68 -3.29 -18.61
N ALA C 20 10.82 -2.56 -17.91
CA ALA C 20 11.19 -1.87 -16.68
C ALA C 20 10.69 -2.67 -15.49
N THR C 21 11.60 -3.01 -14.58
CA THR C 21 11.28 -3.80 -13.39
C THR C 21 11.55 -2.94 -12.16
N LEU C 22 10.50 -2.29 -11.67
CA LEU C 22 10.58 -1.41 -10.51
C LEU C 22 10.22 -2.19 -9.25
N SER C 23 11.09 -2.14 -8.25
CA SER C 23 10.93 -2.90 -7.03
C SER C 23 10.54 -1.99 -5.87
N CYS C 24 10.01 -2.61 -4.81
CA CYS C 24 9.56 -1.90 -3.62
C CYS C 24 9.66 -2.85 -2.43
N ARG C 25 10.55 -2.53 -1.49
CA ARG C 25 10.78 -3.35 -0.31
C ARG C 25 10.15 -2.70 0.92
N ALA C 26 9.54 -3.52 1.77
CA ALA C 26 8.91 -3.05 2.99
C ALA C 26 9.65 -3.60 4.21
N SER C 27 9.62 -2.82 5.29
CA SER C 27 10.28 -3.24 6.53
C SER C 27 9.52 -4.34 7.24
N GLN C 28 8.20 -4.39 7.11
CA GLN C 28 7.37 -5.41 7.74
C GLN C 28 6.67 -6.25 6.68
N SER C 29 6.43 -7.52 7.00
CA SER C 29 5.64 -8.38 6.13
C SER C 29 4.22 -7.84 6.02
N VAL C 30 3.96 -7.03 5.00
CA VAL C 30 2.69 -6.31 4.90
C VAL C 30 1.66 -7.12 4.13
N ILE C 31 0.49 -6.52 3.91
CA ILE C 31 -0.60 -7.17 3.21
C ILE C 31 -0.51 -6.83 1.73
N SER C 32 -0.66 -7.83 0.87
CA SER C 32 -0.64 -7.57 -0.57
C SER C 32 -1.83 -6.72 -0.99
N TYR C 33 -2.96 -6.86 -0.29
CA TYR C 33 -4.20 -6.21 -0.72
C TYR C 33 -4.16 -4.70 -0.58
N TYR C 34 -3.17 -4.14 0.13
CA TYR C 34 -3.12 -2.70 0.35
C TYR C 34 -1.93 -2.02 -0.31
N VAL C 35 -1.20 -2.75 -1.14
CA VAL C 35 -0.09 -2.15 -1.89
C VAL C 35 -0.64 -1.46 -3.12
N ALA C 36 -0.08 -0.31 -3.46
CA ALA C 36 -0.51 0.41 -4.65
C ALA C 36 0.68 1.12 -5.28
N TRP C 37 0.56 1.38 -6.58
CA TRP C 37 1.60 2.04 -7.35
C TRP C 37 1.05 3.29 -8.02
N TYR C 38 1.90 4.30 -8.15
CA TYR C 38 1.47 5.58 -8.72
C TYR C 38 2.52 6.09 -9.69
N GLN C 39 2.06 6.89 -10.64
CA GLN C 39 2.91 7.60 -11.58
C GLN C 39 2.77 9.09 -11.33
N HIS C 40 3.87 9.77 -11.06
CA HIS C 40 3.87 11.18 -10.73
C HIS C 40 4.55 11.98 -11.82
N LYS C 41 3.80 12.87 -12.46
CA LYS C 41 4.37 13.90 -13.33
C LYS C 41 4.43 15.21 -12.55
N GLY C 42 5.57 15.88 -12.64
CA GLY C 42 5.77 17.10 -11.86
C GLY C 42 4.76 18.20 -12.16
N GLY C 43 4.16 18.17 -13.36
CA GLY C 43 3.26 19.24 -13.74
C GLY C 43 1.89 19.12 -13.11
N GLN C 44 1.39 17.90 -12.96
CA GLN C 44 0.05 17.66 -12.48
C GLN C 44 0.09 16.81 -11.23
N ALA C 45 -1.08 16.32 -10.83
CA ALA C 45 -1.28 15.44 -9.70
C ALA C 45 -0.89 14.02 -10.06
N PRO C 46 -0.50 13.21 -9.08
CA PRO C 46 -0.15 11.83 -9.37
C PRO C 46 -1.35 11.01 -9.82
N ARG C 47 -1.07 9.99 -10.62
CA ARG C 47 -2.09 9.11 -11.17
C ARG C 47 -1.93 7.71 -10.61
N LEU C 48 -3.05 7.10 -10.24
CA LEU C 48 -3.05 5.75 -9.69
C LEU C 48 -2.92 4.74 -10.81
N LEU C 49 -1.89 3.90 -10.74
CA LEU C 49 -1.68 2.87 -11.76
C LEU C 49 -2.19 1.53 -11.27
N ILE C 50 -1.55 0.98 -10.24
CA ILE C 50 -1.87 -0.33 -9.71
C ILE C 50 -2.39 -0.15 -8.29
N TYR C 51 -3.53 -0.77 -8.01
CA TYR C 51 -4.09 -0.82 -6.66
C TYR C 51 -4.34 -2.27 -6.28
N GLY C 52 -4.22 -2.56 -4.98
CA GLY C 52 -4.31 -3.94 -4.54
C GLY C 52 -3.18 -4.81 -5.06
N ALA C 53 -2.01 -4.21 -5.29
CA ALA C 53 -0.78 -4.88 -5.71
C ALA C 53 -0.84 -5.44 -7.13
N SER C 54 -2.04 -5.72 -7.64
CA SER C 54 -2.14 -6.37 -8.94
C SER C 54 -3.16 -5.71 -9.87
N SER C 55 -4.23 -5.15 -9.31
CA SER C 55 -5.29 -4.60 -10.14
C SER C 55 -4.84 -3.30 -10.82
N ARG C 56 -5.26 -3.13 -12.06
CA ARG C 56 -4.97 -1.93 -12.84
C ARG C 56 -6.17 -0.98 -12.78
N ALA C 57 -5.89 0.29 -12.52
CA ALA C 57 -6.95 1.29 -12.53
C ALA C 57 -7.43 1.56 -13.95
N THR C 58 -8.60 2.20 -14.05
CA THR C 58 -9.14 2.54 -15.35
C THR C 58 -8.28 3.60 -16.01
N GLY C 59 -8.15 3.52 -17.34
CA GLY C 59 -7.30 4.42 -18.09
C GLY C 59 -5.83 4.04 -18.08
N VAL C 60 -5.40 3.17 -17.18
CA VAL C 60 -4.02 2.70 -17.14
C VAL C 60 -3.82 1.70 -18.27
N PRO C 61 -2.84 1.90 -19.15
CA PRO C 61 -2.66 0.98 -20.28
C PRO C 61 -2.35 -0.44 -19.82
N ASP C 62 -2.50 -1.38 -20.76
CA ASP C 62 -2.32 -2.79 -20.45
C ASP C 62 -0.86 -3.15 -20.23
N ARG C 63 0.08 -2.30 -20.65
CA ARG C 63 1.49 -2.62 -20.48
C ARG C 63 1.90 -2.60 -19.01
N PHE C 64 1.25 -1.79 -18.18
CA PHE C 64 1.51 -1.81 -16.76
C PHE C 64 0.98 -3.08 -16.12
N SER C 65 1.69 -3.57 -15.11
CA SER C 65 1.33 -4.80 -14.44
C SER C 65 1.75 -4.74 -12.98
N GLY C 66 0.99 -5.40 -12.13
CA GLY C 66 1.27 -5.45 -10.71
C GLY C 66 1.64 -6.85 -10.27
N SER C 67 2.55 -6.94 -9.30
CA SER C 67 3.03 -8.21 -8.80
C SER C 67 3.67 -8.01 -7.44
N GLY C 68 3.91 -9.11 -6.74
CA GLY C 68 4.57 -9.06 -5.45
C GLY C 68 3.83 -9.77 -4.34
N SER C 69 4.55 -10.14 -3.29
CA SER C 69 3.96 -10.81 -2.13
C SER C 69 4.95 -10.74 -0.98
N GLY C 70 4.40 -10.65 0.24
CA GLY C 70 5.22 -10.58 1.43
C GLY C 70 5.86 -9.22 1.65
N THR C 71 7.14 -9.11 1.29
CA THR C 71 7.88 -7.86 1.43
C THR C 71 8.47 -7.35 0.13
N ASP C 72 8.36 -8.10 -0.96
CA ASP C 72 8.94 -7.71 -2.26
C ASP C 72 7.80 -7.57 -3.26
N PHE C 73 7.56 -6.34 -3.70
CA PHE C 73 6.51 -6.04 -4.67
C PHE C 73 7.10 -5.32 -5.86
N THR C 74 6.53 -5.57 -7.04
CA THR C 74 7.16 -5.15 -8.29
C THR C 74 6.13 -4.54 -9.23
N LEU C 75 6.50 -3.42 -9.84
CA LEU C 75 5.75 -2.81 -10.94
C LEU C 75 6.55 -3.01 -12.22
N THR C 76 5.94 -3.65 -13.21
CA THR C 76 6.63 -4.04 -14.43
C THR C 76 5.93 -3.43 -15.64
N ILE C 77 6.69 -2.75 -16.49
CA ILE C 77 6.22 -2.23 -17.77
C ILE C 77 6.84 -3.06 -18.88
N SER C 78 6.00 -3.59 -19.76
CA SER C 78 6.48 -4.47 -20.83
C SER C 78 7.39 -3.70 -21.78
N SER C 79 6.82 -2.73 -22.50
CA SER C 79 7.58 -1.89 -23.42
C SER C 79 7.35 -0.43 -23.05
N LEU C 80 8.44 0.34 -23.00
CA LEU C 80 8.36 1.72 -22.55
C LEU C 80 7.88 2.62 -23.67
N GLU C 81 7.50 3.84 -23.30
CA GLU C 81 7.05 4.86 -24.22
C GLU C 81 7.49 6.21 -23.68
N PRO C 82 7.52 7.25 -24.52
CA PRO C 82 7.96 8.57 -24.03
C PRO C 82 7.13 9.10 -22.86
N GLU C 83 5.87 8.71 -22.75
CA GLU C 83 5.05 9.18 -21.65
C GLU C 83 5.36 8.44 -20.35
N ASP C 84 5.91 7.23 -20.44
CA ASP C 84 6.15 6.44 -19.24
C ASP C 84 7.37 6.93 -18.46
N PHE C 85 8.22 7.76 -19.07
CA PHE C 85 9.44 8.23 -18.42
C PHE C 85 9.08 9.31 -17.41
N ALA C 86 8.95 8.92 -16.15
CA ALA C 86 8.62 9.86 -15.07
C ALA C 86 9.03 9.22 -13.75
N LEU C 87 8.41 9.67 -12.66
CA LEU C 87 8.65 9.13 -11.34
C LEU C 87 7.54 8.14 -10.97
N TYR C 88 7.87 7.22 -10.05
CA TYR C 88 6.94 6.20 -9.63
C TYR C 88 7.07 5.95 -8.14
N TYR C 89 5.93 5.72 -7.48
CA TYR C 89 5.85 5.60 -6.04
C TYR C 89 5.01 4.38 -5.67
N CYS C 90 5.49 3.59 -4.71
CA CYS C 90 4.71 2.52 -4.12
C CYS C 90 4.19 2.97 -2.76
N GLN C 91 3.08 2.37 -2.34
CA GLN C 91 2.47 2.79 -1.08
C GLN C 91 1.84 1.59 -0.39
N TYR C 92 1.62 1.74 0.92
CA TYR C 92 0.93 0.74 1.71
C TYR C 92 0.12 1.45 2.79
N TYR C 93 -1.13 1.01 2.96
CA TYR C 93 -2.06 1.62 3.89
C TYR C 93 -2.42 0.63 5.00
N GLY C 94 -2.23 1.05 6.24
CA GLY C 94 -2.59 0.23 7.37
C GLY C 94 -1.60 0.27 8.52
N SER C 95 -0.35 0.59 8.23
CA SER C 95 0.70 0.63 9.23
C SER C 95 0.92 2.07 9.69
N SER C 96 2.09 2.35 10.25
CA SER C 96 2.45 3.69 10.69
C SER C 96 3.61 4.21 9.86
N PRO C 97 3.47 5.34 9.15
CA PRO C 97 2.26 6.15 9.09
C PRO C 97 1.15 5.48 8.28
N LEU C 98 -0.08 5.98 8.38
CA LEU C 98 -1.21 5.30 7.75
C LEU C 98 -0.98 5.10 6.26
N TRP C 99 -0.43 6.10 5.58
CA TRP C 99 -0.08 6.00 4.16
C TRP C 99 1.44 6.09 4.05
N ALA C 100 2.09 4.94 3.88
CA ALA C 100 3.52 4.91 3.66
C ALA C 100 3.82 5.12 2.18
N PHE C 101 4.95 5.78 1.91
CA PHE C 101 5.34 6.13 0.55
C PHE C 101 6.79 5.76 0.30
N GLY C 102 7.08 5.32 -0.92
CA GLY C 102 8.41 4.93 -1.29
C GLY C 102 9.32 6.12 -1.52
N GLN C 103 10.56 5.83 -1.90
CA GLN C 103 11.55 6.87 -2.09
C GLN C 103 11.30 7.63 -3.40
N GLY C 104 11.40 6.94 -4.53
CA GLY C 104 11.22 7.55 -5.82
C GLY C 104 12.07 6.92 -6.90
N THR C 105 11.45 6.12 -7.77
CA THR C 105 12.16 5.45 -8.85
C THR C 105 12.14 6.34 -10.07
N LYS C 106 13.32 6.79 -10.50
CA LYS C 106 13.45 7.71 -11.62
C LYS C 106 13.65 6.91 -12.90
N VAL C 107 12.84 7.20 -13.91
CA VAL C 107 12.90 6.52 -15.20
C VAL C 107 13.30 7.54 -16.24
N GLU C 108 14.53 7.43 -16.76
CA GLU C 108 15.06 8.36 -17.74
C GLU C 108 15.53 7.60 -18.97
N ILE C 109 15.66 8.35 -20.07
CA ILE C 109 16.12 7.78 -21.33
C ILE C 109 17.62 7.60 -21.28
N LYS C 110 18.11 6.48 -21.81
CA LYS C 110 19.53 6.15 -21.78
C LYS C 110 20.17 6.66 -23.08
N ARG C 111 20.71 7.87 -23.01
CA ARG C 111 21.46 8.44 -24.12
C ARG C 111 22.90 7.96 -24.07
N THR C 112 23.53 7.91 -25.24
CA THR C 112 24.97 7.66 -25.29
C THR C 112 25.72 8.68 -24.44
N VAL C 113 26.83 8.25 -23.87
CA VAL C 113 27.56 9.09 -22.92
C VAL C 113 28.03 10.37 -23.60
N ALA C 114 27.76 11.51 -22.96
CA ALA C 114 28.09 12.81 -23.52
C ALA C 114 28.93 13.60 -22.52
N ALA C 115 29.83 14.42 -23.05
CA ALA C 115 30.74 15.23 -22.25
C ALA C 115 30.16 16.63 -22.03
N PRO C 116 30.26 17.16 -20.81
CA PRO C 116 29.70 18.49 -20.53
C PRO C 116 30.55 19.59 -21.15
N SER C 117 29.88 20.54 -21.80
CA SER C 117 30.55 21.73 -22.31
C SER C 117 30.63 22.75 -21.17
N VAL C 118 31.83 22.93 -20.62
CA VAL C 118 32.01 23.72 -19.40
C VAL C 118 32.22 25.18 -19.78
N PHE C 119 31.60 26.07 -19.00
CA PHE C 119 31.77 27.51 -19.14
C PHE C 119 31.82 28.14 -17.74
N ILE C 120 32.62 29.17 -17.58
CA ILE C 120 32.75 29.89 -16.32
C ILE C 120 32.44 31.36 -16.58
N PHE C 121 31.75 31.99 -15.62
CA PHE C 121 31.28 33.36 -15.78
C PHE C 121 31.75 34.19 -14.60
N PRO C 122 32.46 35.29 -14.82
CA PRO C 122 32.87 36.16 -13.72
C PRO C 122 31.70 37.02 -13.26
N PRO C 123 31.74 37.52 -12.03
CA PRO C 123 30.66 38.40 -11.56
C PRO C 123 30.64 39.71 -12.32
N SER C 124 29.44 40.12 -12.72
CA SER C 124 29.30 41.38 -13.45
C SER C 124 29.61 42.57 -12.56
N ASP C 125 30.17 43.61 -13.18
CA ASP C 125 30.50 44.82 -12.42
C ASP C 125 29.24 45.52 -11.92
N GLU C 126 28.12 45.37 -12.63
CA GLU C 126 26.85 45.91 -12.14
C GLU C 126 26.44 45.22 -10.84
N GLN C 127 26.86 43.97 -10.65
CA GLN C 127 26.53 43.22 -9.44
C GLN C 127 27.51 43.51 -8.31
N LEU C 128 28.79 43.71 -8.62
CA LEU C 128 29.77 44.06 -7.60
C LEU C 128 29.54 45.44 -7.02
N LYS C 129 28.81 46.31 -7.73
CA LYS C 129 28.45 47.61 -7.17
C LYS C 129 27.49 47.45 -5.99
N SER C 130 26.68 46.40 -5.99
CA SER C 130 25.78 46.16 -4.87
C SER C 130 26.54 45.77 -3.61
N GLY C 131 27.41 44.77 -3.72
CA GLY C 131 28.22 44.35 -2.59
C GLY C 131 28.36 42.85 -2.46
N THR C 132 27.95 42.11 -3.49
CA THR C 132 28.03 40.65 -3.47
C THR C 132 28.37 40.15 -4.87
N ALA C 133 29.24 39.17 -4.95
CA ALA C 133 29.69 38.59 -6.21
C ALA C 133 29.10 37.21 -6.40
N SER C 134 29.03 36.79 -7.66
CA SER C 134 28.49 35.48 -8.02
C SER C 134 29.28 34.90 -9.18
N VAL C 135 29.81 33.69 -8.98
CA VAL C 135 30.62 33.02 -9.99
C VAL C 135 29.81 31.81 -10.48
N VAL C 136 29.43 31.83 -11.76
CA VAL C 136 28.61 30.79 -12.35
C VAL C 136 29.51 29.85 -13.16
N CYS C 137 29.30 28.55 -12.99
CA CYS C 137 30.01 27.53 -13.75
C CYS C 137 28.97 26.68 -14.47
N LEU C 138 28.90 26.82 -15.80
CA LEU C 138 27.88 26.16 -16.59
C LEU C 138 28.37 24.80 -17.09
N LEU C 139 27.57 23.77 -16.84
CA LEU C 139 27.77 22.44 -17.43
C LEU C 139 26.58 22.18 -18.34
N ASN C 140 26.84 22.06 -19.64
CA ASN C 140 25.78 22.03 -20.64
C ASN C 140 25.78 20.71 -21.39
N ASN C 141 24.59 20.11 -21.51
CA ASN C 141 24.35 18.95 -22.36
C ASN C 141 25.32 17.80 -22.08
N PHE C 142 25.06 17.06 -21.00
CA PHE C 142 25.89 15.91 -20.64
C PHE C 142 24.99 14.78 -20.17
N TYR C 143 25.55 13.56 -20.20
CA TYR C 143 24.83 12.38 -19.76
C TYR C 143 25.86 11.42 -19.16
N PRO C 144 25.58 10.82 -17.99
CA PRO C 144 24.34 11.00 -17.24
C PRO C 144 24.35 12.20 -16.30
N ARG C 145 23.36 12.27 -15.41
CA ARG C 145 23.22 13.41 -14.50
C ARG C 145 24.31 13.43 -13.43
N GLU C 146 24.94 12.30 -13.16
CA GLU C 146 25.96 12.21 -12.11
C GLU C 146 27.19 13.00 -12.53
N ALA C 147 27.34 14.21 -11.99
CA ALA C 147 28.51 15.04 -12.23
C ALA C 147 28.85 15.78 -10.95
N LYS C 148 30.14 16.04 -10.75
CA LYS C 148 30.65 16.67 -9.54
C LYS C 148 31.38 17.96 -9.91
N VAL C 149 31.04 19.05 -9.25
CA VAL C 149 31.63 20.37 -9.47
C VAL C 149 32.30 20.82 -8.19
N GLN C 150 33.58 21.18 -8.29
CA GLN C 150 34.35 21.67 -7.15
C GLN C 150 34.86 23.07 -7.46
N TRP C 151 34.95 23.90 -6.42
CA TRP C 151 35.38 25.29 -6.56
C TRP C 151 36.74 25.47 -5.89
N LYS C 152 37.72 25.95 -6.66
CA LYS C 152 39.06 26.20 -6.17
C LYS C 152 39.36 27.69 -6.29
N VAL C 153 39.55 28.36 -5.16
CA VAL C 153 39.88 29.77 -5.11
C VAL C 153 41.36 29.90 -4.82
N ASP C 154 42.12 30.37 -5.80
CA ASP C 154 43.59 30.43 -5.72
C ASP C 154 44.17 29.06 -5.38
N ASN C 155 43.67 28.04 -6.09
CA ASN C 155 44.06 26.65 -5.88
C ASN C 155 43.79 26.21 -4.44
N ALA C 156 42.59 26.53 -3.96
CA ALA C 156 42.16 26.13 -2.63
C ALA C 156 40.66 25.86 -2.67
N LEU C 157 40.27 24.67 -2.24
CA LEU C 157 38.90 24.23 -2.38
C LEU C 157 37.97 24.99 -1.44
N GLN C 158 36.74 25.23 -1.90
CA GLN C 158 35.70 25.87 -1.11
C GLN C 158 34.47 24.97 -1.11
N SER C 159 33.92 24.71 0.08
CA SER C 159 32.80 23.80 0.23
C SER C 159 31.66 24.50 0.96
N GLY C 160 30.42 24.20 0.54
CA GLY C 160 29.24 24.72 1.19
C GLY C 160 28.83 26.12 0.77
N ASN C 161 29.69 26.87 0.11
CA ASN C 161 29.39 28.24 -0.29
C ASN C 161 28.85 28.35 -1.71
N SER C 162 28.63 27.23 -2.38
CA SER C 162 28.10 27.23 -3.74
C SER C 162 26.80 26.44 -3.78
N GLN C 163 25.97 26.77 -4.78
CA GLN C 163 24.66 26.13 -4.95
C GLN C 163 24.55 25.60 -6.37
N GLU C 164 24.15 24.34 -6.49
CA GLU C 164 23.99 23.70 -7.79
C GLU C 164 22.53 23.78 -8.24
N SER C 165 22.33 23.53 -9.54
CA SER C 165 21.00 23.52 -10.13
C SER C 165 21.06 22.69 -11.41
N VAL C 166 20.19 21.69 -11.51
CA VAL C 166 20.18 20.76 -12.63
C VAL C 166 18.85 20.89 -13.37
N THR C 167 18.92 20.95 -14.69
CA THR C 167 17.73 20.95 -15.51
C THR C 167 17.29 19.53 -15.81
N GLU C 168 16.04 19.39 -16.26
CA GLU C 168 15.52 18.08 -16.59
C GLU C 168 16.08 17.60 -17.92
N GLN C 169 15.92 16.30 -18.17
CA GLN C 169 16.41 15.71 -19.41
C GLN C 169 15.67 16.31 -20.59
N ASP C 170 16.41 16.67 -21.63
CA ASP C 170 15.83 17.37 -22.77
C ASP C 170 14.89 16.44 -23.54
N SER C 171 13.95 17.05 -24.25
CA SER C 171 12.95 16.28 -24.98
C SER C 171 13.54 15.62 -26.22
N LYS C 172 14.51 16.25 -26.86
CA LYS C 172 15.07 15.76 -28.12
C LYS C 172 16.46 15.15 -27.96
N ASP C 173 17.42 15.89 -27.39
CA ASP C 173 18.78 15.37 -27.24
C ASP C 173 18.94 14.50 -26.00
N SER C 174 18.05 14.60 -25.03
CA SER C 174 18.02 13.73 -23.86
C SER C 174 19.30 13.85 -23.03
N THR C 175 19.70 15.09 -22.76
CA THR C 175 20.87 15.38 -21.93
C THR C 175 20.46 16.32 -20.80
N TYR C 176 21.36 16.47 -19.84
CA TYR C 176 21.16 17.32 -18.67
C TYR C 176 22.09 18.52 -18.72
N SER C 177 21.79 19.50 -17.84
CA SER C 177 22.62 20.69 -17.73
C SER C 177 22.67 21.13 -16.28
N LEU C 178 23.83 21.59 -15.84
CA LEU C 178 24.05 22.01 -14.46
C LEU C 178 24.63 23.42 -14.45
N SER C 179 24.33 24.16 -13.38
CA SER C 179 24.83 25.53 -13.20
C SER C 179 25.12 25.73 -11.72
N SER C 180 26.36 25.48 -11.33
CA SER C 180 26.81 25.70 -9.95
C SER C 180 27.18 27.17 -9.78
N THR C 181 26.53 27.85 -8.85
CA THR C 181 26.74 29.27 -8.61
C THR C 181 27.50 29.46 -7.30
N LEU C 182 28.70 30.02 -7.39
CA LEU C 182 29.52 30.31 -6.21
C LEU C 182 29.30 31.75 -5.79
N THR C 183 28.76 31.94 -4.58
CA THR C 183 28.42 33.25 -4.07
C THR C 183 29.42 33.67 -3.00
N LEU C 184 30.01 34.86 -3.18
CA LEU C 184 30.96 35.41 -2.22
C LEU C 184 30.71 36.91 -2.09
N SER C 185 31.27 37.48 -1.02
CA SER C 185 31.12 38.91 -0.77
C SER C 185 32.09 39.71 -1.64
N LYS C 186 31.72 40.97 -1.90
CA LYS C 186 32.58 41.84 -2.70
C LYS C 186 33.89 42.13 -1.99
N ALA C 187 33.89 42.13 -0.65
CA ALA C 187 35.14 42.32 0.08
C ALA C 187 36.01 41.07 0.01
N ASP C 188 35.38 39.89 0.04
CA ASP C 188 36.13 38.64 -0.03
C ASP C 188 36.46 38.23 -1.46
N TYR C 189 35.73 38.73 -2.45
CA TYR C 189 36.06 38.45 -3.84
C TYR C 189 37.33 39.17 -4.26
N GLU C 190 37.55 40.39 -3.73
CA GLU C 190 38.78 41.11 -3.99
C GLU C 190 39.97 40.57 -3.19
N LYS C 191 39.69 39.78 -2.15
CA LYS C 191 40.76 39.17 -1.36
C LYS C 191 41.53 38.10 -2.13
N HIS C 192 41.03 37.67 -3.29
CA HIS C 192 41.65 36.62 -4.08
C HIS C 192 41.78 37.09 -5.52
N LYS C 193 42.35 36.22 -6.37
CA LYS C 193 42.69 36.62 -7.73
C LYS C 193 42.19 35.62 -8.77
N VAL C 194 42.48 34.34 -8.57
CA VAL C 194 42.17 33.30 -9.55
C VAL C 194 41.02 32.45 -9.02
N TYR C 195 40.02 32.20 -9.87
CA TYR C 195 38.86 31.40 -9.53
C TYR C 195 38.64 30.35 -10.61
N ALA C 196 38.31 29.12 -10.18
CA ALA C 196 38.14 28.02 -11.11
C ALA C 196 37.13 27.03 -10.55
N CYS C 197 36.43 26.36 -11.46
CA CYS C 197 35.51 25.27 -11.10
C CYS C 197 36.00 23.98 -11.74
N GLU C 198 36.09 22.92 -10.94
CA GLU C 198 36.63 21.64 -11.37
C GLU C 198 35.46 20.70 -11.67
N VAL C 199 35.32 20.32 -12.94
CA VAL C 199 34.22 19.47 -13.39
C VAL C 199 34.76 18.05 -13.57
N THR C 200 34.13 17.10 -12.89
CA THR C 200 34.48 15.68 -12.99
C THR C 200 33.23 14.91 -13.38
N HIS C 201 33.27 14.31 -14.57
CA HIS C 201 32.13 13.57 -15.11
C HIS C 201 32.58 12.20 -15.58
N GLN C 202 31.62 11.28 -15.65
CA GLN C 202 31.92 9.93 -16.13
C GLN C 202 32.40 9.93 -17.57
N GLY C 203 31.90 10.85 -18.38
CA GLY C 203 32.33 10.96 -19.76
C GLY C 203 33.50 11.91 -19.94
N LEU C 204 34.45 11.87 -19.00
CA LEU C 204 35.63 12.72 -19.04
C LEU C 204 36.86 11.88 -18.75
N SER C 205 37.82 11.91 -19.67
CA SER C 205 39.06 11.16 -19.45
C SER C 205 39.87 11.76 -18.31
N SER C 206 39.85 13.08 -18.17
CA SER C 206 40.53 13.78 -17.10
C SER C 206 39.64 14.93 -16.62
N PRO C 207 39.66 15.25 -15.33
CA PRO C 207 38.81 16.32 -14.81
C PRO C 207 39.15 17.66 -15.44
N VAL C 208 38.18 18.25 -16.12
CA VAL C 208 38.36 19.53 -16.79
C VAL C 208 38.16 20.66 -15.79
N THR C 209 39.00 21.69 -15.90
CA THR C 209 38.95 22.84 -15.00
C THR C 209 38.99 24.11 -15.83
N LYS C 210 37.98 24.97 -15.66
CA LYS C 210 37.90 26.26 -16.31
C LYS C 210 38.12 27.35 -15.27
N SER C 211 38.98 28.32 -15.59
CA SER C 211 39.40 29.33 -14.64
C SER C 211 39.34 30.72 -15.27
N PHE C 212 39.56 31.73 -14.44
CA PHE C 212 39.66 33.11 -14.88
C PHE C 212 40.36 33.92 -13.80
N ASN C 213 41.07 34.97 -14.23
CA ASN C 213 41.77 35.86 -13.32
C ASN C 213 40.95 37.14 -13.15
N ARG C 214 40.81 37.59 -11.90
CA ARG C 214 40.04 38.79 -11.61
C ARG C 214 40.74 40.02 -12.18
N GLY C 215 40.03 40.79 -12.99
CA GLY C 215 40.57 42.00 -13.58
C GLY C 215 40.90 41.86 -15.05
N GLY D 1 -28.80 -26.58 -1.06
CA GLY D 1 -30.01 -26.10 -0.42
C GLY D 1 -29.85 -24.75 0.22
N THR D 2 -30.71 -24.45 1.20
CA THR D 2 -30.68 -23.19 1.93
C THR D 2 -30.88 -23.48 3.41
N PHE D 3 -30.10 -22.80 4.25
CA PHE D 3 -30.15 -23.04 5.69
C PHE D 3 -31.55 -22.78 6.25
N THR D 4 -31.92 -23.57 7.25
CA THR D 4 -33.26 -23.50 7.80
C THR D 4 -33.31 -23.54 9.33
N TRP D 5 -32.17 -23.57 10.01
CA TRP D 5 -32.17 -23.64 11.46
C TRP D 5 -32.61 -22.31 12.06
N THR D 6 -33.63 -22.36 12.91
CA THR D 6 -34.16 -21.18 13.58
C THR D 6 -33.83 -21.26 15.06
N LEU D 7 -33.13 -20.25 15.57
CA LEU D 7 -32.73 -20.21 16.97
C LEU D 7 -33.75 -19.43 17.80
N SER D 8 -33.86 -19.81 19.07
CA SER D 8 -34.82 -19.20 19.98
C SER D 8 -34.19 -19.11 21.36
N ASP D 9 -33.87 -17.89 21.79
CA ASP D 9 -33.37 -17.60 23.12
C ASP D 9 -34.16 -16.45 23.73
N SER D 10 -35.49 -16.51 23.58
CA SER D 10 -36.36 -15.42 23.98
C SER D 10 -36.84 -15.51 25.42
N GLU D 11 -36.56 -16.62 26.11
CA GLU D 11 -37.07 -16.80 27.46
C GLU D 11 -36.45 -15.77 28.40
N GLY D 12 -37.30 -15.15 29.22
CA GLY D 12 -36.83 -14.22 30.24
C GLY D 12 -36.16 -12.98 29.69
N LYS D 13 -36.65 -12.46 28.58
CA LYS D 13 -36.10 -11.26 27.95
C LYS D 13 -37.17 -10.18 27.85
N ASP D 14 -36.74 -8.97 27.53
CA ASP D 14 -37.68 -7.87 27.38
C ASP D 14 -38.59 -8.06 26.18
N THR D 15 -38.02 -8.48 25.05
CA THR D 15 -38.79 -8.74 23.84
C THR D 15 -38.53 -10.16 23.37
N PRO D 16 -39.52 -10.81 22.75
CA PRO D 16 -39.26 -12.12 22.15
C PRO D 16 -38.24 -12.02 21.04
N GLY D 17 -37.43 -13.06 20.91
CA GLY D 17 -36.36 -13.09 19.93
C GLY D 17 -35.04 -12.65 20.50
N GLY D 18 -34.02 -12.72 19.65
CA GLY D 18 -32.67 -12.38 20.09
C GLY D 18 -31.94 -13.57 20.66
N TYR D 19 -30.62 -13.52 20.57
CA TYR D 19 -29.77 -14.61 21.05
C TYR D 19 -28.69 -14.05 21.98
N CYS D 20 -28.28 -14.87 22.94
CA CYS D 20 -27.23 -14.54 23.89
C CYS D 20 -26.11 -15.55 23.79
N LEU D 21 -24.88 -15.09 23.99
CA LEU D 21 -23.70 -15.94 23.97
C LEU D 21 -23.16 -16.05 25.39
N THR D 22 -23.11 -17.28 25.91
CA THR D 22 -22.61 -17.51 27.26
C THR D 22 -21.11 -17.22 27.33
N ARG D 23 -20.62 -16.99 28.55
CA ARG D 23 -19.21 -16.74 28.75
C ARG D 23 -18.34 -17.94 28.42
N TRP D 24 -18.93 -19.12 28.26
CA TRP D 24 -18.19 -20.29 27.80
C TRP D 24 -18.16 -20.40 26.28
N MET D 25 -18.99 -19.64 25.58
CA MET D 25 -18.95 -19.57 24.12
C MET D 25 -17.95 -18.55 23.61
N LEU D 26 -17.46 -17.67 24.46
CA LEU D 26 -16.50 -16.64 24.08
C LEU D 26 -15.21 -16.81 24.88
N ILE D 27 -14.08 -16.65 24.21
CA ILE D 27 -12.79 -16.80 24.86
C ILE D 27 -12.41 -15.49 25.53
N GLU D 28 -12.06 -15.57 26.83
CA GLU D 28 -11.63 -14.43 27.62
C GLU D 28 -12.65 -13.29 27.55
N ALA D 29 -13.91 -13.63 27.76
CA ALA D 29 -14.97 -12.63 27.72
C ALA D 29 -16.17 -13.16 28.50
N GLU D 30 -16.94 -12.23 29.05
CA GLU D 30 -18.18 -12.57 29.75
C GLU D 30 -19.29 -12.77 28.72
N LEU D 31 -20.53 -12.95 29.18
CA LEU D 31 -21.64 -13.20 28.29
C LEU D 31 -22.09 -11.92 27.59
N LYS D 32 -22.48 -12.06 26.33
CA LYS D 32 -22.94 -10.93 25.52
C LYS D 32 -24.22 -11.32 24.79
N CYS D 33 -25.18 -10.39 24.78
CA CYS D 33 -26.47 -10.60 24.14
C CYS D 33 -26.63 -9.61 22.98
N PHE D 34 -27.53 -9.95 22.07
CA PHE D 34 -27.84 -9.11 20.92
C PHE D 34 -29.34 -9.08 20.68
N GLY D 35 -29.85 -7.89 20.37
CA GLY D 35 -31.28 -7.69 20.32
C GLY D 35 -31.94 -8.42 19.16
N ASN D 36 -33.26 -8.57 19.28
CA ASN D 36 -34.04 -9.18 18.22
C ASN D 36 -34.00 -8.35 16.93
N THR D 37 -33.80 -7.04 17.07
CA THR D 37 -33.67 -6.19 15.89
C THR D 37 -32.45 -6.59 15.05
N ALA D 38 -31.40 -7.10 15.68
CA ALA D 38 -30.19 -7.49 14.99
C ALA D 38 -30.24 -8.92 14.47
N VAL D 39 -30.62 -9.87 15.31
CA VAL D 39 -30.66 -11.28 14.90
C VAL D 39 -31.70 -11.54 13.84
N ALA D 40 -32.64 -10.61 13.63
CA ALA D 40 -33.62 -10.79 12.55
C ALA D 40 -32.95 -10.82 11.19
N LYS D 41 -31.83 -10.10 11.04
CA LYS D 41 -31.07 -10.13 9.80
C LYS D 41 -30.40 -11.49 9.56
N CYS D 42 -30.35 -12.36 10.56
CA CYS D 42 -29.78 -13.69 10.36
C CYS D 42 -30.74 -14.60 9.60
N ASN D 43 -32.05 -14.41 9.76
CA ASN D 43 -33.01 -15.22 9.03
C ASN D 43 -33.10 -14.83 7.57
N GLU D 44 -32.69 -13.61 7.22
CA GLU D 44 -32.77 -13.10 5.86
C GLU D 44 -31.45 -13.25 5.11
N LYS D 45 -30.40 -12.58 5.59
CA LYS D 45 -29.14 -12.51 4.84
C LYS D 45 -28.51 -13.89 4.71
N HIS D 46 -28.06 -14.21 3.50
CA HIS D 46 -27.43 -15.49 3.18
C HIS D 46 -25.91 -15.41 3.17
N ASP D 47 -25.32 -14.35 3.73
CA ASP D 47 -23.90 -14.10 3.55
C ASP D 47 -23.19 -13.62 4.81
N GLU D 48 -23.79 -13.80 5.99
CA GLU D 48 -23.19 -13.35 7.24
C GLU D 48 -22.54 -14.54 7.95
N GLU D 49 -21.23 -14.45 8.19
CA GLU D 49 -20.53 -15.55 8.83
C GLU D 49 -20.95 -15.73 10.28
N PHE D 50 -21.24 -14.63 10.97
CA PHE D 50 -21.63 -14.71 12.37
C PHE D 50 -22.99 -15.40 12.55
N CYS D 51 -23.88 -15.25 11.57
CA CYS D 51 -25.16 -15.94 11.65
C CYS D 51 -25.00 -17.45 11.49
N ASP D 52 -24.05 -17.88 10.67
CA ASP D 52 -23.80 -19.31 10.52
C ASP D 52 -23.24 -19.92 11.80
N MET D 53 -22.48 -19.14 12.57
CA MET D 53 -21.98 -19.64 13.84
C MET D 53 -23.07 -19.69 14.89
N LEU D 54 -23.99 -18.72 14.88
CA LEU D 54 -25.12 -18.76 15.81
C LEU D 54 -25.93 -20.05 15.62
N ARG D 55 -26.25 -20.38 14.37
CA ARG D 55 -26.97 -21.63 14.11
C ARG D 55 -26.13 -22.84 14.48
N LEU D 56 -24.81 -22.73 14.41
CA LEU D 56 -23.95 -23.86 14.75
C LEU D 56 -23.87 -24.04 16.27
N PHE D 57 -23.85 -22.96 17.03
CA PHE D 57 -23.81 -23.05 18.48
C PHE D 57 -25.18 -23.41 19.05
N ASP D 58 -26.24 -22.83 18.51
CA ASP D 58 -27.58 -23.20 18.96
C ASP D 58 -27.90 -24.65 18.64
N PHE D 59 -27.28 -25.21 17.61
CA PHE D 59 -27.40 -26.63 17.35
C PHE D 59 -26.61 -27.45 18.36
N ASN D 60 -25.36 -27.04 18.62
CA ASN D 60 -24.54 -27.72 19.62
C ASN D 60 -25.21 -27.66 20.99
N LYS D 61 -25.89 -26.54 21.30
CA LYS D 61 -26.57 -26.42 22.58
C LYS D 61 -27.77 -27.36 22.65
N GLN D 62 -28.53 -27.47 21.56
CA GLN D 62 -29.73 -28.32 21.55
C GLN D 62 -29.40 -29.79 21.35
N ALA D 63 -28.34 -30.10 20.60
CA ALA D 63 -28.00 -31.51 20.34
C ALA D 63 -27.52 -32.19 21.61
N ILE D 64 -26.63 -31.53 22.36
CA ILE D 64 -26.17 -32.10 23.62
C ILE D 64 -27.32 -32.21 24.61
N GLN D 65 -28.28 -31.29 24.54
CA GLN D 65 -29.35 -31.24 25.53
C GLN D 65 -30.45 -32.25 25.26
N ARG D 66 -30.87 -32.39 24.00
CA ARG D 66 -32.08 -33.14 23.67
C ARG D 66 -31.80 -34.51 23.05
N LEU D 67 -30.54 -34.94 23.02
CA LEU D 67 -30.20 -36.26 22.51
C LEU D 67 -29.20 -36.91 23.45
N LYS D 68 -29.51 -38.12 23.92
CA LYS D 68 -28.62 -38.79 24.86
C LYS D 68 -27.26 -39.01 24.22
N ALA D 69 -26.22 -38.91 25.04
CA ALA D 69 -24.86 -38.91 24.52
C ALA D 69 -24.56 -40.23 23.82
N PRO D 70 -23.91 -40.20 22.66
CA PRO D 70 -23.53 -41.44 21.99
C PRO D 70 -22.42 -42.17 22.73
N ALA D 71 -22.14 -43.38 22.27
CA ALA D 71 -21.14 -44.22 22.95
C ALA D 71 -19.75 -43.64 22.81
N GLN D 72 -19.39 -43.17 21.61
CA GLN D 72 -18.05 -42.66 21.36
C GLN D 72 -18.10 -41.49 20.38
N THR D 73 -18.89 -40.47 20.72
CA THR D 73 -18.94 -39.20 19.99
C THR D 73 -19.16 -39.44 18.50
N SER D 74 -20.41 -39.78 18.17
CA SER D 74 -20.76 -40.08 16.79
C SER D 74 -20.85 -38.81 15.96
N ILE D 75 -20.31 -38.88 14.74
CA ILE D 75 -20.32 -37.76 13.79
C ILE D 75 -21.44 -37.90 12.76
N GLN D 76 -22.22 -38.98 12.81
CA GLN D 76 -23.28 -39.19 11.84
C GLN D 76 -24.27 -38.04 11.83
N LEU D 77 -24.50 -37.40 12.97
CA LEU D 77 -25.55 -36.39 13.06
C LEU D 77 -25.15 -35.11 12.36
N ILE D 78 -23.97 -34.57 12.69
CA ILE D 78 -23.58 -33.25 12.18
C ILE D 78 -23.38 -33.29 10.67
N ASN D 79 -22.99 -34.43 10.11
CA ASN D 79 -22.77 -34.52 8.67
C ASN D 79 -24.05 -34.32 7.88
N LYS D 80 -25.19 -34.69 8.45
CA LYS D 80 -26.47 -34.56 7.76
C LYS D 80 -27.16 -33.24 8.05
N ALA D 81 -26.76 -32.53 9.10
CA ALA D 81 -27.36 -31.25 9.45
C ALA D 81 -26.51 -30.06 9.04
N VAL D 82 -25.32 -30.29 8.47
CA VAL D 82 -24.41 -29.20 8.18
C VAL D 82 -24.99 -28.26 7.12
N ASN D 83 -25.72 -28.82 6.14
CA ASN D 83 -26.25 -27.99 5.07
C ASN D 83 -27.45 -27.16 5.54
N ALA D 84 -28.14 -27.61 6.60
CA ALA D 84 -29.26 -26.87 7.17
C ALA D 84 -28.85 -25.90 8.26
N LEU D 85 -27.59 -25.92 8.67
CA LEU D 85 -27.08 -25.05 9.73
C LEU D 85 -26.29 -23.87 9.18
N ILE D 86 -25.36 -24.13 8.27
CA ILE D 86 -24.48 -23.10 7.75
C ILE D 86 -24.64 -23.00 6.23
N ASN D 87 -23.74 -22.27 5.58
CA ASN D 87 -23.74 -22.13 4.13
C ASN D 87 -22.42 -22.70 3.61
N ASP D 88 -22.51 -23.76 2.82
CA ASP D 88 -21.32 -24.42 2.31
C ASP D 88 -20.52 -23.54 1.36
N GLN D 89 -21.14 -22.52 0.77
CA GLN D 89 -20.44 -21.63 -0.13
C GLN D 89 -19.91 -20.39 0.56
N LEU D 90 -20.43 -20.04 1.74
CA LEU D 90 -19.88 -18.94 2.51
C LEU D 90 -18.45 -19.26 2.97
N ILE D 91 -18.22 -20.50 3.41
CA ILE D 91 -16.87 -20.92 3.75
C ILE D 91 -16.04 -21.11 2.47
N MET D 92 -16.67 -21.58 1.39
CA MET D 92 -15.96 -21.73 0.13
C MET D 92 -15.55 -20.38 -0.44
N LYS D 93 -16.33 -19.34 -0.18
CA LYS D 93 -15.94 -17.99 -0.60
C LYS D 93 -14.68 -17.55 0.11
N ASN D 94 -14.60 -17.80 1.43
CA ASN D 94 -13.42 -17.39 2.19
C ASN D 94 -12.18 -18.19 1.79
N HIS D 95 -12.37 -19.44 1.35
CA HIS D 95 -11.25 -20.18 0.76
C HIS D 95 -10.70 -19.43 -0.44
N LEU D 96 -11.56 -19.07 -1.39
CA LEU D 96 -11.12 -18.38 -2.60
C LEU D 96 -10.50 -17.03 -2.27
N ARG D 97 -11.02 -16.34 -1.26
CA ARG D 97 -10.41 -15.08 -0.82
C ARG D 97 -9.01 -15.33 -0.29
N ASP D 98 -8.85 -16.34 0.58
CA ASP D 98 -7.52 -16.72 1.05
C ASP D 98 -6.66 -17.21 -0.11
N ILE D 99 -7.25 -17.94 -1.06
CA ILE D 99 -6.49 -18.46 -2.20
C ILE D 99 -5.99 -17.32 -3.07
N MET D 100 -6.77 -16.24 -3.19
CA MET D 100 -6.39 -15.11 -4.02
C MET D 100 -5.71 -13.99 -3.23
N CYS D 101 -5.11 -14.31 -2.09
CA CYS D 101 -4.38 -13.35 -1.25
C CYS D 101 -5.25 -12.18 -0.81
N ILE D 102 -6.57 -12.36 -0.83
CA ILE D 102 -7.52 -11.33 -0.42
C ILE D 102 -7.86 -11.57 1.05
N PRO D 103 -8.00 -10.53 1.85
CA PRO D 103 -8.38 -10.73 3.26
C PRO D 103 -9.68 -11.51 3.38
N TYR D 104 -9.61 -12.62 4.10
CA TYR D 104 -10.72 -13.55 4.27
C TYR D 104 -11.15 -13.56 5.74
N CYS D 105 -12.21 -14.32 6.01
CA CYS D 105 -12.75 -14.49 7.36
C CYS D 105 -12.43 -15.90 7.84
N ASN D 106 -11.63 -16.02 8.89
CA ASN D 106 -11.33 -17.32 9.47
C ASN D 106 -12.22 -17.64 10.67
N TYR D 107 -13.36 -16.94 10.78
CA TYR D 107 -14.48 -17.30 11.64
C TYR D 107 -14.15 -17.23 13.13
N SER D 108 -13.13 -16.47 13.52
CA SER D 108 -12.73 -16.38 14.92
C SER D 108 -13.09 -15.03 15.53
N LYS D 109 -12.60 -13.94 14.96
CA LYS D 109 -12.80 -12.60 15.53
C LYS D 109 -13.93 -11.88 14.81
N TYR D 110 -14.78 -11.23 15.59
CA TYR D 110 -15.92 -10.46 15.07
C TYR D 110 -15.97 -9.12 15.75
N TRP D 111 -16.41 -8.10 15.00
CA TRP D 111 -16.54 -6.74 15.50
C TRP D 111 -17.99 -6.27 15.35
N TYR D 112 -18.37 -5.32 16.20
CA TYR D 112 -19.74 -4.80 16.18
C TYR D 112 -19.77 -3.46 16.90
N LEU D 113 -20.69 -2.60 16.49
CA LEU D 113 -20.93 -1.33 17.15
C LEU D 113 -21.88 -1.52 18.33
N ASN D 114 -21.64 -0.77 19.40
CA ASN D 114 -22.48 -0.84 20.60
C ASN D 114 -22.58 0.56 21.18
N HIS D 115 -23.79 1.10 21.21
CA HIS D 115 -24.00 2.48 21.65
C HIS D 115 -23.50 2.67 23.08
N THR D 116 -22.97 3.86 23.36
CA THR D 116 -22.35 4.14 24.65
C THR D 116 -23.37 4.34 25.76
N THR D 117 -24.61 4.68 25.43
CA THR D 117 -25.65 4.88 26.45
C THR D 117 -26.83 3.95 26.25
N THR D 118 -27.51 3.99 25.10
CA THR D 118 -28.69 3.16 24.90
C THR D 118 -28.36 1.69 24.69
N GLY D 119 -27.09 1.34 24.49
CA GLY D 119 -26.70 -0.05 24.44
C GLY D 119 -27.17 -0.83 23.23
N ARG D 120 -27.62 -0.16 22.17
CA ARG D 120 -28.02 -0.87 20.97
C ARG D 120 -26.79 -1.40 20.25
N THR D 121 -26.86 -2.66 19.84
CA THR D 121 -25.74 -3.35 19.21
C THR D 121 -26.08 -3.68 17.76
N SER D 122 -25.05 -3.68 16.92
CA SER D 122 -25.20 -4.11 15.54
C SER D 122 -24.94 -5.61 15.43
N LEU D 123 -25.18 -6.15 14.24
CA LEU D 123 -24.86 -7.54 14.00
C LEU D 123 -23.36 -7.70 13.83
N PRO D 124 -22.71 -8.56 14.61
CA PRO D 124 -21.25 -8.67 14.52
C PRO D 124 -20.77 -9.16 13.16
N LYS D 125 -20.10 -8.28 12.42
CA LYS D 125 -19.48 -8.67 11.16
C LYS D 125 -18.09 -9.24 11.44
N CYS D 126 -17.62 -10.07 10.52
CA CYS D 126 -16.40 -10.83 10.76
C CYS D 126 -15.16 -9.96 10.56
N TRP D 127 -14.21 -10.09 11.48
CA TRP D 127 -12.92 -9.42 11.37
C TRP D 127 -12.02 -10.22 10.44
N LEU D 128 -11.57 -9.60 9.36
CA LEU D 128 -10.84 -10.32 8.33
C LEU D 128 -9.38 -10.53 8.75
N VAL D 129 -8.66 -11.29 7.92
CA VAL D 129 -7.30 -11.71 8.22
C VAL D 129 -6.64 -12.10 6.91
N SER D 130 -5.33 -11.88 6.81
CA SER D 130 -4.56 -12.29 5.65
C SER D 130 -3.12 -12.54 6.07
N ASN D 131 -2.55 -13.64 5.54
CA ASN D 131 -1.24 -14.15 5.97
C ASN D 131 -1.15 -14.22 7.49
N GLY D 132 -2.22 -14.70 8.12
CA GLY D 132 -2.22 -14.95 9.55
C GLY D 132 -2.10 -13.72 10.43
N SER D 133 -2.64 -12.59 9.99
CA SER D 133 -2.64 -11.38 10.80
C SER D 133 -3.92 -10.61 10.54
N TYR D 134 -4.64 -10.27 11.61
CA TYR D 134 -5.86 -9.50 11.48
C TYR D 134 -5.58 -8.14 10.88
N LEU D 135 -6.58 -7.61 10.16
CA LEU D 135 -6.48 -6.26 9.63
C LEU D 135 -6.50 -5.25 10.77
N ASN D 136 -5.76 -4.16 10.60
CA ASN D 136 -5.84 -3.08 11.56
C ASN D 136 -7.21 -2.41 11.48
N GLU D 137 -7.57 -1.71 12.56
CA GLU D 137 -8.88 -1.08 12.62
C GLU D 137 -9.10 -0.10 11.48
N THR D 138 -8.03 0.55 11.02
CA THR D 138 -8.14 1.55 9.97
C THR D 138 -8.33 0.95 8.58
N HIS D 139 -8.14 -0.36 8.43
CA HIS D 139 -8.23 -0.97 7.10
C HIS D 139 -9.65 -0.93 6.55
N PHE D 140 -10.66 -0.96 7.42
CA PHE D 140 -12.06 -0.99 7.00
C PHE D 140 -12.88 0.03 7.78
N SER D 141 -12.32 1.23 7.95
CA SER D 141 -13.03 2.27 8.71
C SER D 141 -14.30 2.72 7.98
N ASP D 142 -14.25 2.80 6.65
CA ASP D 142 -15.45 3.18 5.91
C ASP D 142 -16.55 2.14 5.99
N ASP D 143 -16.18 0.87 6.22
CA ASP D 143 -17.19 -0.16 6.45
C ASP D 143 -17.93 0.08 7.77
N ILE D 144 -17.21 0.51 8.80
CA ILE D 144 -17.85 0.87 10.06
C ILE D 144 -18.76 2.07 9.86
N GLU D 145 -18.32 3.05 9.08
CA GLU D 145 -19.14 4.23 8.82
C GLU D 145 -20.46 3.84 8.16
N GLN D 146 -20.39 3.02 7.11
CA GLN D 146 -21.61 2.53 6.47
C GLN D 146 -22.46 1.72 7.45
N GLN D 147 -21.81 1.01 8.37
CA GLN D 147 -22.54 0.24 9.38
C GLN D 147 -23.03 1.13 10.50
N ALA D 148 -22.26 2.16 10.87
CA ALA D 148 -22.72 3.08 11.90
C ALA D 148 -23.84 3.97 11.39
N ASP D 149 -23.86 4.27 10.10
CA ASP D 149 -24.97 5.04 9.54
C ASP D 149 -26.23 4.21 9.46
N ASN D 150 -26.10 2.91 9.19
CA ASN D 150 -27.25 2.01 9.22
C ASN D 150 -27.92 2.03 10.59
N MET D 151 -27.15 2.22 11.66
CA MET D 151 -27.73 2.33 12.99
C MET D 151 -28.65 3.54 13.09
N ILE D 152 -28.25 4.66 12.51
CA ILE D 152 -29.06 5.87 12.57
C ILE D 152 -30.34 5.70 11.76
N THR D 153 -30.23 5.14 10.56
CA THR D 153 -31.42 4.92 9.74
C THR D 153 -32.34 3.90 10.39
N GLU D 154 -31.78 2.83 10.97
CA GLU D 154 -32.61 1.87 11.68
C GLU D 154 -33.21 2.48 12.95
N MET D 155 -32.49 3.40 13.59
CA MET D 155 -33.04 4.08 14.76
C MET D 155 -34.18 5.00 14.36
N LEU D 156 -34.08 5.65 13.20
CA LEU D 156 -35.12 6.58 12.77
C LEU D 156 -36.46 5.88 12.56
N GLN D 157 -36.43 4.66 12.04
CA GLN D 157 -37.67 3.99 11.65
C GLN D 157 -38.53 3.65 12.87
N LYS D 158 -37.91 3.34 14.01
CA LYS D 158 -38.70 3.00 15.20
C LYS D 158 -39.58 4.19 15.62
N GLU D 159 -39.01 5.38 15.63
CA GLU D 159 -39.81 6.56 15.94
C GLU D 159 -40.87 6.79 14.86
N TYR D 160 -40.53 6.52 13.60
CA TYR D 160 -41.49 6.67 12.52
C TYR D 160 -42.60 5.62 12.60
N MET D 161 -42.31 4.45 13.15
CA MET D 161 -43.32 3.40 13.31
C MET D 161 -44.45 3.86 14.23
C1 NAG E . -16.56 -30.11 24.73
C2 NAG E . -15.66 -29.40 25.74
C3 NAG E . -16.25 -29.49 27.14
C4 NAG E . -17.70 -29.01 27.16
C5 NAG E . -18.51 -29.74 26.08
C6 NAG E . -19.92 -29.23 25.96
C7 NAG E . -13.23 -29.23 25.99
C8 NAG E . -11.93 -29.97 25.90
N2 NAG E . -14.32 -29.95 25.71
O3 NAG E . -15.48 -28.71 28.03
O4 NAG E . -18.28 -29.28 28.42
O5 NAG E . -17.88 -29.57 24.80
O6 NAG E . -20.04 -28.24 24.95
O7 NAG E . -13.29 -28.04 26.29
C1 NAG E . -18.55 -28.28 29.33
C2 NAG E . -19.48 -28.71 30.45
C3 NAG E . -19.76 -27.52 31.38
C4 NAG E . -18.46 -26.91 31.87
C5 NAG E . -17.56 -26.58 30.68
C6 NAG E . -16.19 -26.07 31.09
C7 NAG E . -21.43 -30.21 30.55
C8 NAG E . -22.68 -30.65 29.86
N2 NAG E . -20.72 -29.25 29.93
O3 NAG E . -20.55 -27.97 32.48
O4 NAG E . -18.72 -25.74 32.62
O5 NAG E . -17.35 -27.74 29.87
O6 NAG E . -15.33 -27.14 31.44
O7 NAG E . -21.07 -30.67 31.63
C1 BMA E . -18.63 -25.79 33.99
C2 BMA E . -17.95 -24.50 34.45
C3 BMA E . -18.02 -24.37 35.98
C4 BMA E . -19.44 -24.67 36.50
C5 BMA E . -19.94 -26.02 35.97
C6 BMA E . -21.34 -26.36 36.41
O2 BMA E . -18.62 -23.37 33.91
O3 BMA E . -17.61 -23.10 36.42
O4 BMA E . -19.43 -24.69 37.92
O5 BMA E . -19.92 -25.95 34.53
O6 BMA E . -21.82 -27.44 35.62
C1 MAN E . -16.39 -22.99 37.06
C2 MAN E . -16.43 -21.69 37.91
C3 MAN E . -16.28 -20.46 37.01
C4 MAN E . -15.08 -20.61 36.06
C5 MAN E . -15.26 -21.90 35.23
C6 MAN E . -14.11 -22.15 34.29
O2 MAN E . -15.33 -21.64 38.83
O3 MAN E . -16.15 -19.26 37.78
O4 MAN E . -15.01 -19.49 35.18
O5 MAN E . -15.34 -23.02 36.14
O6 MAN E . -14.51 -23.18 33.38
C1 NAG F . 6.07 -29.77 16.17
C2 NAG F . 7.53 -30.11 15.88
C3 NAG F . 7.79 -31.58 16.11
C4 NAG F . 7.34 -31.98 17.52
C5 NAG F . 5.89 -31.57 17.76
C6 NAG F . 5.44 -31.82 19.17
C7 NAG F . 8.50 -28.58 14.21
C8 NAG F . 8.80 -28.36 12.75
N2 NAG F . 7.88 -29.73 14.52
O3 NAG F . 9.18 -31.86 15.94
O4 NAG F . 7.47 -33.39 17.68
O5 NAG F . 5.74 -30.15 17.50
O6 NAG F . 6.02 -30.88 20.08
O7 NAG F . 8.82 -27.77 15.07
C1 NAG F . 8.46 -33.92 18.47
C2 NAG F . 8.06 -35.29 19.00
C3 NAG F . 9.13 -35.81 19.96
C4 NAG F . 10.50 -35.80 19.27
C5 NAG F . 10.80 -34.41 18.72
C6 NAG F . 12.08 -34.35 17.93
C7 NAG F . 5.63 -35.61 19.09
C8 NAG F . 4.39 -35.49 19.93
N2 NAG F . 6.77 -35.23 19.68
O3 NAG F . 8.81 -37.15 20.36
O4 NAG F . 11.51 -36.16 20.21
O5 NAG F . 9.73 -34.00 17.84
O6 NAG F . 12.04 -35.20 16.80
O7 NAG F . 5.60 -36.03 17.94
C1 NAG G . -15.11 -36.41 28.33
C2 NAG G . -14.43 -36.73 29.65
C3 NAG G . -15.14 -37.90 30.33
C4 NAG G . -16.62 -37.60 30.50
C5 NAG G . -17.23 -37.23 29.14
C6 NAG G . -18.66 -36.78 29.26
C7 NAG G . -12.05 -36.13 29.75
C8 NAG G . -10.64 -36.60 29.50
N2 NAG G . -13.02 -37.02 29.47
O3 NAG G . -14.54 -38.14 31.62
O4 NAG G . -17.29 -38.75 31.01
O5 NAG G . -16.50 -36.13 28.56
O6 NAG G . -18.78 -35.59 30.03
O7 NAG G . -12.30 -35.02 30.18
C1 NAG G . -17.58 -39.19 32.27
C2 NAG G . -18.99 -39.71 32.55
C3 NAG G . -19.13 -40.09 34.02
C4 NAG G . -18.03 -41.06 34.43
C5 NAG G . -16.66 -40.49 34.08
C6 NAG G . -15.53 -41.45 34.35
C7 NAG G . -21.19 -39.06 31.68
C8 NAG G . -22.10 -37.92 31.34
N2 NAG G . -19.99 -38.73 32.17
O3 NAG G . -20.41 -40.68 34.23
O4 NAG G . -18.09 -41.29 35.84
O5 NAG G . -16.61 -40.18 32.67
O6 NAG G . -15.50 -42.50 33.40
O7 NAG G . -21.53 -40.23 31.53
C1 NAG H . 12.98 -33.26 2.62
C2 NAG H . 13.63 -31.96 3.08
C3 NAG H . 13.69 -30.95 1.93
C4 NAG H . 14.36 -31.59 0.72
C5 NAG H . 13.65 -32.88 0.35
C6 NAG H . 14.31 -33.62 -0.80
C7 NAG H . 13.43 -31.32 5.45
C8 NAG H . 12.55 -30.70 6.48
N2 NAG H . 12.91 -31.39 4.21
O3 NAG H . 14.40 -29.80 2.33
O4 NAG H . 14.34 -30.69 -0.39
O5 NAG H . 13.67 -33.78 1.47
O6 NAG H . 15.65 -33.99 -0.49
O7 NAG H . 14.55 -31.74 5.70
C1 NAG H . 15.52 -30.12 -0.79
C2 NAG H . 16.02 -30.24 -2.23
C3 NAG H . 17.36 -29.54 -2.39
C4 NAG H . 17.28 -28.11 -1.89
C5 NAG H . 16.74 -28.08 -0.46
C6 NAG H . 16.54 -26.68 0.06
C7 NAG H . 15.84 -32.07 -3.87
C8 NAG H . 15.99 -33.54 -4.10
N2 NAG H . 16.11 -31.64 -2.63
O3 NAG H . 17.75 -29.56 -3.76
O4 NAG H . 18.57 -27.50 -1.93
O5 NAG H . 15.47 -28.75 -0.41
O6 NAG H . 15.77 -25.90 -0.83
O7 NAG H . 15.49 -31.29 -4.76
C1 BMA H . 18.92 -26.49 -2.77
C2 BMA H . 20.40 -26.09 -2.64
C3 BMA H . 20.71 -24.89 -3.56
C4 BMA H . 20.15 -25.10 -4.97
C5 BMA H . 18.66 -25.44 -4.90
C6 BMA H . 18.04 -25.69 -6.26
O2 BMA H . 21.25 -27.15 -3.05
O3 BMA H . 22.10 -24.62 -3.61
O4 BMA H . 20.33 -23.93 -5.74
O5 BMA H . 18.51 -26.63 -4.12
O6 BMA H . 18.22 -24.54 -7.06
C1 NAG I . -4.24 -57.90 2.23
C2 NAG I . -2.78 -58.23 2.49
C3 NAG I . -2.27 -59.20 1.43
C4 NAG I . -3.16 -60.44 1.37
C5 NAG I . -4.62 -60.03 1.18
C6 NAG I . -5.58 -61.20 1.26
C7 NAG I . -1.56 -56.48 3.68
C8 NAG I . -0.72 -55.24 3.54
N2 NAG I . -1.97 -57.04 2.53
O3 NAG I . -0.93 -59.57 1.74
O4 NAG I . -2.76 -61.28 0.30
O5 NAG I . -5.02 -59.10 2.19
O6 NAG I . -5.47 -61.86 2.50
O7 NAG I . -1.85 -56.94 4.77
C1 NAG I . -1.98 -62.41 0.41
C2 NAG I . -2.44 -63.66 -0.32
C3 NAG I . -1.45 -64.80 -0.11
C4 NAG I . -0.04 -64.36 -0.50
C5 NAG I . 0.32 -63.07 0.23
C6 NAG I . 1.67 -62.51 -0.20
C7 NAG I . -4.81 -64.19 -0.71
C8 NAG I . -6.11 -64.59 -0.08
N2 NAG I . -3.77 -64.05 0.12
O3 NAG I . -1.85 -65.93 -0.89
O4 NAG I . 0.90 -65.37 -0.17
O5 NAG I . -0.66 -62.06 -0.04
O6 NAG I . 1.59 -61.90 -1.48
O7 NAG I . -4.71 -63.99 -1.92
C1 NAG J . -4.61 -45.50 17.99
C2 NAG J . -3.69 -45.18 19.17
C3 NAG J . -3.17 -46.47 19.81
C4 NAG J . -4.34 -47.37 20.18
C5 NAG J . -5.21 -47.64 18.95
C6 NAG J . -6.44 -48.45 19.26
C7 NAG J . -1.94 -43.51 19.60
C8 NAG J . -0.81 -42.72 19.01
N2 NAG J . -2.58 -44.33 18.76
O3 NAG J . -2.41 -46.16 20.96
O4 NAG J . -3.85 -48.62 20.68
O5 NAG J . -5.66 -46.39 18.42
O6 NAG J . -7.38 -47.70 20.02
O7 NAG J . -2.26 -43.40 20.78
C1 NAG J . -3.77 -48.85 22.03
C2 NAG J . -4.09 -50.27 22.50
C3 NAG J . -3.79 -50.42 23.98
C4 NAG J . -2.37 -49.99 24.29
C5 NAG J . -2.12 -48.58 23.75
C6 NAG J . -0.68 -48.13 23.91
C7 NAG J . -5.85 -51.41 21.22
C8 NAG J . -7.32 -51.66 21.07
N2 NAG J . -5.48 -50.61 22.22
O3 NAG J . -4.00 -51.77 24.37
O4 NAG J . -2.15 -49.99 25.69
O5 NAG J . -2.41 -48.54 22.34
O6 NAG J . 0.15 -48.65 22.89
O7 NAG J . -5.02 -51.92 20.46
C1 NAG K . -7.74 -16.69 12.90
C2 NAG K . -7.42 -17.93 13.76
C3 NAG K . -6.79 -17.50 15.07
C4 NAG K . -5.57 -16.62 14.81
C5 NAG K . -5.93 -15.45 13.90
C6 NAG K . -4.74 -14.64 13.48
C7 NAG K . -8.61 -20.06 13.98
C8 NAG K . -9.93 -20.72 14.24
N2 NAG K . -8.61 -18.72 13.99
O3 NAG K . -6.40 -18.66 15.80
O4 NAG K . -5.08 -16.11 16.04
O5 NAG K . -6.54 -15.95 12.69
O6 NAG K . -3.96 -15.32 12.50
O7 NAG K . -7.59 -20.71 13.76
C1 NAG K . -4.02 -16.49 16.83
C2 NAG K . -3.58 -15.44 17.85
C3 NAG K . -2.37 -15.95 18.64
C4 NAG K . -2.66 -17.32 19.24
C5 NAG K . -3.14 -18.28 18.16
C6 NAG K . -3.57 -19.62 18.71
C7 NAG K . -4.05 -13.10 17.35
C8 NAG K . -3.60 -11.87 16.61
N2 NAG K . -3.29 -14.18 17.21
O3 NAG K . -2.04 -15.02 19.66
O4 NAG K . -1.49 -17.85 19.85
O5 NAG K . -4.29 -17.73 17.48
O6 NAG K . -4.43 -19.47 19.85
O7 NAG K . -5.07 -13.10 18.04
C1 BMA K . -1.35 -17.88 21.21
C2 BMA K . -1.32 -19.36 21.66
C3 BMA K . -1.12 -19.44 23.17
C4 BMA K . 0.02 -18.53 23.66
C5 BMA K . -0.21 -17.10 23.15
C6 BMA K . 0.90 -16.14 23.56
O2 BMA K . -0.22 -20.05 21.06
O3 BMA K . -0.88 -20.78 23.59
O4 BMA K . 0.09 -18.54 25.06
O5 BMA K . -0.26 -17.14 21.72
O6 BMA K . 2.13 -16.62 23.03
C1 MAN K . -1.88 -21.55 24.12
C2 MAN K . -1.68 -21.57 25.66
C3 MAN K . -0.54 -22.53 26.03
C4 MAN K . -0.73 -23.89 25.36
C5 MAN K . -0.83 -23.70 23.84
C6 MAN K . -1.04 -25.00 23.09
O2 MAN K . -2.84 -22.06 26.33
O3 MAN K . -0.43 -22.69 27.44
O4 MAN K . 0.37 -24.74 25.65
O5 MAN K . -1.95 -22.84 23.55
O6 MAN K . -2.44 -25.27 23.05
C1 NAG L . -22.78 -2.44 25.22
C2 NAG L . -22.67 -3.86 25.75
C3 NAG L . -23.39 -3.99 27.08
C4 NAG L . -22.88 -2.93 28.06
C5 NAG L . -22.95 -1.54 27.44
C6 NAG L . -22.31 -0.48 28.29
C7 NAG L . -22.51 -5.90 24.39
C8 NAG L . -23.21 -6.79 23.39
N2 NAG L . -23.20 -4.83 24.79
O3 NAG L . -23.19 -5.29 27.62
O4 NAG L . -23.66 -2.95 29.25
O5 NAG L . -22.25 -1.53 26.18
O6 NAG L . -21.47 0.38 27.52
O7 NAG L . -21.39 -6.16 24.82
C1 NAG L . -23.19 -3.46 30.42
C2 NAG L . -24.27 -3.24 31.48
C3 NAG L . -23.85 -3.88 32.80
C4 NAG L . -23.49 -5.34 32.60
C5 NAG L . -22.44 -5.48 31.49
C6 NAG L . -22.14 -6.92 31.15
C7 NAG L . -25.68 -1.25 31.21
C8 NAG L . -25.80 0.22 31.48
N2 NAG L . -24.55 -1.83 31.66
O3 NAG L . -24.91 -3.75 33.74
O4 NAG L . -22.98 -5.89 33.80
O5 NAG L . -22.92 -4.86 30.29
O6 NAG L . -23.12 -7.46 30.27
O7 NAG L . -26.55 -1.88 30.63
C1 BMA L . -23.76 -6.64 34.63
C2 BMA L . -23.03 -7.87 35.23
C3 BMA L . -23.97 -8.64 36.15
C4 BMA L . -24.67 -7.69 37.14
C5 BMA L . -25.38 -6.55 36.39
C6 BMA L . -26.06 -5.55 37.31
O2 BMA L . -21.92 -7.45 36.03
O3 BMA L . -23.29 -9.65 36.86
O4 BMA L . -25.64 -8.41 37.90
O5 BMA L . -24.38 -5.86 35.62
O6 BMA L . -26.74 -4.60 36.51
C1 NAG M . -1.04 -2.06 12.13
C2 NAG M . 0.15 -2.32 11.19
C3 NAG M . 1.41 -2.66 11.98
C4 NAG M . 1.68 -1.58 13.03
C5 NAG M . 0.44 -1.37 13.90
C6 NAG M . 0.58 -0.24 14.88
C7 NAG M . -0.38 -4.64 10.52
C8 NAG M . -0.66 -5.55 9.36
N2 NAG M . -0.15 -3.36 10.22
O3 NAG M . 2.52 -2.75 11.10
O4 NAG M . 2.77 -1.97 13.86
O5 NAG M . -0.69 -1.04 13.06
O6 NAG M . -0.48 -0.23 15.81
O7 NAG M . -0.38 -5.05 11.67
C1 NAG M . 4.03 -1.41 13.95
C2 NAG M . 4.62 -0.97 15.28
C3 NAG M . 5.86 -0.13 15.05
C4 NAG M . 6.86 -0.89 14.18
C5 NAG M . 6.19 -1.36 12.89
C6 NAG M . 7.08 -2.24 12.06
C7 NAG M . 3.30 -0.61 17.31
C8 NAG M . 2.27 0.26 17.99
N2 NAG M . 3.64 -0.24 16.08
O3 NAG M . 6.45 0.20 16.30
O4 NAG M . 7.97 -0.06 13.86
O5 NAG M . 5.02 -2.13 13.19
O6 NAG M . 6.97 -3.61 12.44
O7 NAG M . 3.78 -1.60 17.86
C1 BMA M . 9.12 -0.28 14.56
C2 BMA M . 10.37 -0.06 13.69
C3 BMA M . 11.63 -0.34 14.51
C4 BMA M . 11.60 0.42 15.85
C5 BMA M . 10.29 0.10 16.60
C6 BMA M . 10.16 0.87 17.91
O2 BMA M . 10.45 1.28 13.26
O3 BMA M . 12.81 0.00 13.78
O4 BMA M . 12.71 0.04 16.64
O5 BMA M . 9.19 0.46 15.76
O6 BMA M . 8.90 0.57 18.48
C1 FUC M . -1.12 0.99 15.83
C2 FUC M . -2.49 0.70 16.45
C3 FUC M . -2.99 1.88 17.31
C4 FUC M . -2.61 3.22 16.68
C5 FUC M . -1.07 3.32 16.55
C6 FUC M . -0.60 4.08 15.33
O2 FUC M . -2.51 -0.51 17.19
O3 FUC M . -4.42 1.84 17.43
O4 FUC M . -3.21 3.36 15.39
O5 FUC M . -0.43 2.01 16.51
C1 NAG N . 3.51 -14.22 4.60
C2 NAG N . 4.00 -14.52 3.19
C3 NAG N . 5.35 -15.25 3.22
C4 NAG N . 6.35 -14.49 4.07
C5 NAG N . 5.76 -14.21 5.45
C6 NAG N . 6.66 -13.38 6.34
C7 NAG N . 2.11 -14.80 1.65
C8 NAG N . 1.17 -15.78 1.00
N2 NAG N . 3.02 -15.33 2.46
O3 NAG N . 5.84 -15.40 1.90
O4 NAG N . 7.55 -15.23 4.21
O5 NAG N . 4.52 -13.50 5.32
O6 NAG N . 7.87 -13.03 5.68
O7 NAG N . 2.04 -13.59 1.43
#